data_2AGZ
#
_entry.id   2AGZ
#
_cell.length_a   119.913
_cell.length_b   157.337
_cell.length_c   267.996
_cell.angle_alpha   90.00
_cell.angle_beta   90.00
_cell.angle_gamma   90.00
#
_symmetry.space_group_name_H-M   'F 2 2 2'
#
loop_
_entity.id
_entity.type
_entity.pdbx_description
1 polymer 'Aromatic amine dehydrogenase'
2 polymer 'Aromatic amine dehydrogenase'
3 non-polymer 'ZINC ION'
4 non-polymer (1S)-1-AMINO-2-(1H-INDOL-3-YL)ETHANOL
5 water water
#
loop_
_entity_poly.entity_id
_entity_poly.type
_entity_poly.pdbx_seq_one_letter_code
_entity_poly.pdbx_strand_id
1 'polypeptide(L)'
;AGGGGSSSGADHISLNPDLANEDEVNSCDYWRHCAVDGFLCSCCGGTTTTCPPGSTPSPIS(TRQ)IGTCHNPHDGKDYL
ISYHDCCGKTACGRCQCNTQTRERPGYEFFLHNDVNWCMANENSTFHCTTSVLVGLAKN
;
D,H
2 'polypeptide(L)'
;REVLTGGHSVSAPQENRIYVMDSVFMHLTESRVHVYDYTNGKFLGMVPTAFNGHVQVSNDGKKIYTMTTYHERITRGKRS
DVVEVWDADKLTFEKEISLPPKRVQGLNYDGLFRQTTDGKFIVLQNASPATSIGIVDVAKGDYVEDVTAAAGCWSVIPQP
NRPRSFMTICGDGGLLTINLGEDGKVASQSRSKQMFSVKDDPIFIAPALDKDKAHFVSYYGNVYSADFSGDEVKVDGPWS
LLNDEDKAKNWVPGGYNLVGLHRASGRMYVFMHPDGKEGTHKFPAAEIWVMDTKTKQRVARIPGRDALSMTIDQQRNLML
TLDGGNVNVYDISQPEPKLLRTIEGAAEASLQVQFHPVGGT
;
A,B
#
# COMPACT_ATOMS: atom_id res chain seq x y z
CA GLU A 24 -22.85 -0.25 16.90
C GLU A 24 -22.46 0.89 15.93
N VAL A 25 -21.81 1.95 16.42
CA VAL A 25 -21.37 3.03 15.52
C VAL A 25 -20.25 2.62 14.59
N ASN A 26 -19.58 1.48 14.86
CA ASN A 26 -18.51 0.99 13.99
C ASN A 26 -18.96 0.14 12.81
N SER A 27 -20.26 0.11 12.58
CA SER A 27 -20.85 -0.68 11.53
C SER A 27 -21.31 0.23 10.40
N CYS A 28 -21.16 -0.24 9.17
CA CYS A 28 -21.59 0.51 8.03
C CYS A 28 -23.12 0.67 7.99
N ASP A 29 -23.81 -0.19 8.73
CA ASP A 29 -25.26 -0.13 8.84
CA ASP A 29 -25.26 -0.07 8.78
C ASP A 29 -25.75 0.88 9.88
N TYR A 30 -24.85 1.49 10.65
CA TYR A 30 -25.28 2.46 11.65
C TYR A 30 -25.97 3.60 10.92
N TRP A 31 -27.07 4.10 11.50
CA TRP A 31 -27.95 4.99 10.76
C TRP A 31 -27.28 6.22 10.15
N ARG A 32 -26.30 6.80 10.83
CA ARG A 32 -25.80 8.05 10.33
C ARG A 32 -24.73 7.86 9.28
N HIS A 33 -24.31 6.62 9.03
CA HIS A 33 -23.24 6.32 8.04
C HIS A 33 -23.82 6.02 6.66
N CYS A 34 -24.96 6.62 6.33
CA CYS A 34 -25.69 6.19 5.13
C CYS A 34 -25.12 6.67 3.79
N ALA A 35 -24.19 7.62 3.79
CA ALA A 35 -23.50 8.01 2.55
C ALA A 35 -21.98 8.10 2.74
N VAL A 36 -21.41 7.13 3.44
CA VAL A 36 -19.95 7.09 3.71
C VAL A 36 -19.24 6.28 2.64
N ASP A 37 -18.21 6.88 2.01
CA ASP A 37 -17.32 6.17 1.10
C ASP A 37 -15.95 6.37 1.73
N GLY A 38 -15.50 5.39 2.52
CA GLY A 38 -14.25 5.54 3.25
C GLY A 38 -14.26 4.75 4.53
N PHE A 39 -13.27 4.98 5.36
CA PHE A 39 -13.09 4.24 6.59
C PHE A 39 -13.70 5.03 7.72
N LEU A 40 -14.48 4.37 8.56
CA LEU A 40 -15.12 5.11 9.67
C LEU A 40 -14.09 5.57 10.69
N CYS A 41 -14.05 6.88 10.97
CA CYS A 41 -13.10 7.38 11.94
C CYS A 41 -13.23 6.78 13.33
N SER A 42 -14.45 6.34 13.71
CA SER A 42 -14.65 5.72 15.03
C SER A 42 -13.94 4.40 15.18
N CYS A 43 -13.51 3.80 14.05
CA CYS A 43 -12.70 2.57 14.04
C CYS A 43 -11.20 2.82 13.94
N CYS A 44 -10.83 4.11 13.85
CA CYS A 44 -9.48 4.54 13.52
C CYS A 44 -8.85 5.32 14.66
N GLY A 45 -9.37 5.21 15.87
CA GLY A 45 -8.85 5.96 17.01
C GLY A 45 -9.51 7.31 17.25
N GLY A 46 -10.51 7.64 16.44
CA GLY A 46 -11.33 8.83 16.66
C GLY A 46 -12.73 8.42 17.04
N THR A 47 -13.67 9.31 16.80
CA THR A 47 -15.09 9.01 17.05
C THR A 47 -15.89 9.55 15.88
N THR A 48 -17.21 9.44 15.92
CA THR A 48 -18.03 9.94 14.84
CA THR A 48 -17.98 9.92 14.77
C THR A 48 -17.84 11.44 14.58
N THR A 49 -17.44 12.17 15.62
CA THR A 49 -17.27 13.61 15.52
C THR A 49 -15.89 14.13 15.93
N THR A 50 -14.90 13.24 16.02
CA THR A 50 -13.54 13.71 16.32
C THR A 50 -12.54 12.95 15.49
N CYS A 51 -11.57 13.67 14.99
CA CYS A 51 -10.55 13.04 14.17
C CYS A 51 -9.60 12.23 15.05
N PRO A 52 -9.09 11.13 14.52
CA PRO A 52 -8.04 10.42 15.23
C PRO A 52 -6.84 11.34 15.47
N PRO A 53 -6.07 11.07 16.51
CA PRO A 53 -4.94 11.94 16.83
C PRO A 53 -4.04 12.16 15.61
N GLY A 54 -3.67 13.40 15.37
CA GLY A 54 -2.77 13.76 14.29
C GLY A 54 -3.31 13.80 12.88
N SER A 55 -4.63 13.72 12.73
CA SER A 55 -5.27 13.89 11.43
C SER A 55 -6.10 15.15 11.48
N THR A 56 -6.20 15.85 10.36
CA THR A 56 -6.75 17.19 10.34
CA THR A 56 -6.75 17.19 10.34
C THR A 56 -8.18 17.16 9.83
N PRO A 57 -9.11 17.84 10.49
CA PRO A 57 -10.49 17.85 10.02
C PRO A 57 -10.65 18.61 8.73
N SER A 58 -11.46 18.10 7.81
CA SER A 58 -11.73 18.84 6.59
C SER A 58 -12.76 19.91 6.85
N PRO A 59 -12.59 21.08 6.22
CA PRO A 59 -13.61 22.13 6.35
C PRO A 59 -14.87 21.91 5.50
N ILE A 60 -14.71 21.10 4.45
CA ILE A 60 -15.81 20.81 3.51
C ILE A 60 -16.08 19.31 3.54
N SER A 61 -17.16 18.89 2.87
CA SER A 61 -17.62 17.52 3.00
C SER A 61 -18.64 17.30 1.92
N ILE A 63 -22.52 15.78 1.70
CA ILE A 63 -23.64 15.80 2.62
C ILE A 63 -24.58 14.70 2.22
N GLY A 64 -25.19 14.11 3.23
CA GLY A 64 -26.20 13.07 3.08
C GLY A 64 -27.40 13.37 3.97
N THR A 65 -28.50 12.66 3.71
CA THR A 65 -29.66 12.72 4.57
C THR A 65 -29.92 11.29 4.98
N CYS A 66 -29.97 11.06 6.29
CA CYS A 66 -30.09 9.71 6.86
C CYS A 66 -31.24 9.65 7.86
N HIS A 67 -31.99 8.55 7.82
CA HIS A 67 -33.09 8.30 8.75
C HIS A 67 -32.61 7.77 10.09
N ASN A 68 -32.98 8.45 11.16
CA ASN A 68 -32.65 8.03 12.50
C ASN A 68 -33.77 7.18 13.09
N PRO A 69 -33.52 5.89 13.33
CA PRO A 69 -34.55 5.01 13.86
C PRO A 69 -34.98 5.33 15.28
N HIS A 70 -34.17 6.09 16.03
CA HIS A 70 -34.54 6.42 17.38
C HIS A 70 -35.77 7.33 17.45
N ASP A 71 -35.85 8.29 16.55
CA ASP A 71 -36.94 9.24 16.55
C ASP A 71 -37.75 9.31 15.25
N GLY A 72 -37.43 8.47 14.28
CA GLY A 72 -38.16 8.44 13.03
C GLY A 72 -38.07 9.69 12.20
N LYS A 73 -36.93 10.39 12.29
CA LYS A 73 -36.72 11.62 11.53
C LYS A 73 -35.45 11.54 10.72
N ASP A 74 -35.44 12.23 9.58
CA ASP A 74 -34.25 12.36 8.74
C ASP A 74 -33.39 13.54 9.21
N TYR A 75 -32.08 13.28 9.26
CA TYR A 75 -31.08 14.30 9.63
C TYR A 75 -30.12 14.54 8.49
N LEU A 76 -29.70 15.79 8.37
CA LEU A 76 -28.62 16.17 7.47
C LEU A 76 -27.30 15.78 8.15
N ILE A 77 -26.47 15.01 7.42
CA ILE A 77 -25.18 14.54 7.92
C ILE A 77 -24.11 15.10 6.99
N SER A 78 -23.06 15.65 7.61
CA SER A 78 -21.89 16.19 6.93
C SER A 78 -20.76 15.21 7.08
N TYR A 79 -20.32 14.65 5.97
CA TYR A 79 -19.28 13.64 5.97
C TYR A 79 -17.94 14.29 5.81
N HIS A 80 -17.46 14.85 6.91
CA HIS A 80 -16.12 15.44 6.93
C HIS A 80 -15.10 14.33 6.89
N ASP A 81 -13.96 14.60 6.29
CA ASP A 81 -12.87 13.65 6.37
C ASP A 81 -11.87 14.15 7.40
N CYS A 82 -11.02 13.21 7.80
CA CYS A 82 -9.81 13.50 8.55
C CYS A 82 -8.64 13.18 7.63
N CYS A 83 -7.63 14.05 7.65
CA CYS A 83 -6.69 14.14 6.56
C CYS A 83 -5.25 14.24 7.03
N GLY A 84 -4.32 14.07 6.09
CA GLY A 84 -2.92 14.27 6.39
C GLY A 84 -2.24 13.07 7.05
N LYS A 85 -2.93 11.93 7.03
CA LYS A 85 -2.35 10.65 7.38
C LYS A 85 -2.81 9.63 6.36
N THR A 86 -2.06 8.57 6.16
CA THR A 86 -2.43 7.57 5.15
C THR A 86 -3.64 6.73 5.65
N ALA A 87 -4.18 5.93 4.73
CA ALA A 87 -5.48 5.30 4.88
C ALA A 87 -5.53 4.50 6.16
N CYS A 88 -6.55 4.74 6.97
CA CYS A 88 -6.74 3.95 8.17
C CYS A 88 -6.92 2.46 7.92
N GLY A 89 -7.68 2.14 6.87
CA GLY A 89 -7.90 0.75 6.47
C GLY A 89 -8.97 -0.03 7.20
N ARG A 90 -9.55 0.53 8.25
CA ARG A 90 -10.51 -0.17 9.07
C ARG A 90 -11.93 0.30 8.84
N CYS A 91 -12.87 -0.62 8.92
CA CYS A 91 -14.28 -0.28 8.73
C CYS A 91 -14.54 0.49 7.45
N GLN A 92 -14.16 -0.10 6.31
CA GLN A 92 -14.44 0.51 5.03
C GLN A 92 -15.92 0.38 4.71
N CYS A 93 -16.51 1.50 4.36
CA CYS A 93 -17.92 1.62 3.97
C CYS A 93 -18.02 2.22 2.59
N ASN A 94 -19.12 1.88 1.88
CA ASN A 94 -19.41 2.45 0.56
C ASN A 94 -20.91 2.62 0.40
N THR A 95 -21.52 3.34 1.33
CA THR A 95 -22.98 3.59 1.32
C THR A 95 -23.28 4.84 0.53
N GLN A 96 -24.47 4.90 -0.05
CA GLN A 96 -24.76 5.82 -1.15
C GLN A 96 -26.15 6.47 -1.07
N THR A 97 -26.76 6.45 0.11
CA THR A 97 -28.09 7.06 0.23
C THR A 97 -28.02 8.53 -0.10
N ARG A 98 -28.81 8.95 -1.11
CA ARG A 98 -28.98 10.32 -1.58
C ARG A 98 -27.71 10.90 -2.23
N GLU A 99 -26.73 10.02 -2.52
CA GLU A 99 -25.48 10.42 -3.16
C GLU A 99 -25.73 10.66 -4.64
N ARG A 100 -25.10 11.68 -5.20
CA ARG A 100 -25.28 12.03 -6.59
C ARG A 100 -23.94 12.29 -7.27
N PRO A 101 -23.89 12.30 -8.59
CA PRO A 101 -22.63 12.50 -9.29
C PRO A 101 -22.03 13.87 -9.14
N GLY A 102 -20.84 14.02 -9.71
CA GLY A 102 -20.02 15.20 -9.48
C GLY A 102 -20.58 16.51 -10.00
N TYR A 103 -21.56 16.45 -10.90
CA TYR A 103 -22.27 17.65 -11.32
C TYR A 103 -23.26 18.16 -10.25
N GLU A 104 -23.41 17.40 -9.17
CA GLU A 104 -24.06 17.85 -7.92
C GLU A 104 -22.96 17.74 -6.86
N PHE A 105 -21.98 18.62 -6.98
CA PHE A 105 -20.67 18.43 -6.40
C PHE A 105 -20.70 18.05 -4.92
N PHE A 106 -21.36 18.80 -4.04
CA PHE A 106 -21.27 18.44 -2.60
C PHE A 106 -22.18 17.31 -2.16
N LEU A 107 -22.91 16.70 -3.10
CA LEU A 107 -23.67 15.49 -2.79
C LEU A 107 -22.93 14.24 -3.25
N HIS A 108 -21.69 14.41 -3.72
CA HIS A 108 -20.92 13.36 -4.38
C HIS A 108 -19.84 12.81 -3.46
N ASN A 109 -19.73 11.48 -3.36
CA ASN A 109 -18.78 10.86 -2.43
C ASN A 109 -17.68 10.03 -3.06
N ASP A 110 -17.49 10.18 -4.37
CA ASP A 110 -16.38 9.49 -5.03
C ASP A 110 -15.20 10.41 -5.26
N VAL A 111 -15.18 11.55 -4.57
CA VAL A 111 -14.02 12.47 -4.60
C VAL A 111 -13.49 12.60 -3.18
N ASN A 112 -12.24 13.07 -3.09
CA ASN A 112 -11.54 13.22 -1.85
C ASN A 112 -11.94 14.49 -1.14
N TRP A 113 -12.74 14.38 -0.08
CA TRP A 113 -13.17 15.59 0.63
C TRP A 113 -12.07 16.17 1.54
N CYS A 114 -10.87 15.58 1.49
CA CYS A 114 -9.65 16.22 2.02
C CYS A 114 -9.03 17.23 1.07
N MET A 115 -9.69 17.47 -0.06
CA MET A 115 -9.08 18.24 -1.14
C MET A 115 -8.69 19.68 -0.72
N ALA A 116 -9.37 20.28 0.26
CA ALA A 116 -9.03 21.66 0.70
C ALA A 116 -8.11 21.70 1.92
N ASN A 117 -7.65 20.54 2.40
CA ASN A 117 -6.72 20.46 3.53
C ASN A 117 -5.27 20.76 3.14
N GLU A 118 -4.44 21.11 4.13
CA GLU A 118 -3.03 21.41 3.88
CA GLU A 118 -3.03 21.39 3.94
C GLU A 118 -2.34 20.22 3.26
N ASN A 119 -2.73 19.03 3.70
CA ASN A 119 -2.27 17.80 3.06
C ASN A 119 -3.51 16.96 2.82
N SER A 120 -3.76 16.63 1.56
CA SER A 120 -4.99 15.96 1.20
C SER A 120 -4.94 14.46 1.28
N THR A 121 -3.88 13.84 1.82
CA THR A 121 -3.91 12.40 2.00
C THR A 121 -5.13 12.03 2.84
N PHE A 122 -5.91 11.07 2.37
CA PHE A 122 -7.14 10.67 3.04
C PHE A 122 -6.92 9.63 4.12
N HIS A 123 -7.41 9.91 5.34
CA HIS A 123 -7.25 9.03 6.47
C HIS A 123 -8.53 8.26 6.84
N CYS A 124 -9.61 9.01 7.08
CA CYS A 124 -10.88 8.42 7.44
C CYS A 124 -12.00 9.45 7.27
N THR A 125 -13.23 8.94 7.33
CA THR A 125 -14.42 9.73 7.17
C THR A 125 -15.26 9.71 8.43
N THR A 126 -15.75 10.90 8.82
CA THR A 126 -16.62 11.12 10.00
C THR A 126 -18.08 11.34 9.50
N SER A 127 -19.04 11.26 10.42
CA SER A 127 -20.45 11.42 10.11
C SER A 127 -21.03 12.40 11.12
N VAL A 128 -21.03 13.68 10.76
CA VAL A 128 -21.30 14.78 11.66
C VAL A 128 -22.75 15.28 11.46
N LEU A 129 -23.52 15.27 12.55
CA LEU A 129 -24.94 15.63 12.50
C LEU A 129 -25.03 17.14 12.43
N VAL A 130 -25.66 17.65 11.37
CA VAL A 130 -25.84 19.08 11.15
C VAL A 130 -27.14 19.51 11.79
N GLY A 131 -28.20 18.74 11.55
CA GLY A 131 -29.50 18.99 12.18
C GLY A 131 -30.55 18.30 11.35
N LEU A 132 -31.82 18.65 11.56
CA LEU A 132 -32.92 17.94 10.88
C LEU A 132 -32.95 18.10 9.36
N ASN B 21 10.71 -24.14 -18.18
CA ASN B 21 9.23 -24.24 -17.91
C ASN B 21 8.74 -23.05 -17.07
N GLU B 22 7.98 -22.15 -17.70
CA GLU B 22 7.49 -20.93 -17.05
C GLU B 22 6.81 -21.24 -15.73
N ASP B 23 5.98 -22.27 -15.72
CA ASP B 23 5.30 -22.66 -14.50
C ASP B 23 6.36 -23.01 -13.45
N GLU B 24 7.35 -23.80 -13.84
CA GLU B 24 8.38 -24.26 -12.93
C GLU B 24 9.24 -23.13 -12.32
N VAL B 25 9.69 -22.19 -13.15
CA VAL B 25 10.56 -21.10 -12.67
C VAL B 25 9.77 -20.12 -11.84
N ASN B 26 8.44 -20.16 -11.95
CA ASN B 26 7.60 -19.26 -11.16
C ASN B 26 7.24 -19.82 -9.76
N SER B 27 7.86 -20.90 -9.35
CA SER B 27 7.57 -21.55 -8.09
C SER B 27 8.72 -21.27 -7.14
N CYS B 28 8.40 -21.01 -5.88
CA CYS B 28 9.43 -20.82 -4.86
C CYS B 28 10.30 -22.04 -4.67
N ASP B 29 9.82 -23.21 -5.11
CA ASP B 29 10.55 -24.46 -4.96
C ASP B 29 11.54 -24.73 -6.10
N TYR B 30 11.56 -23.87 -7.11
CA TYR B 30 12.51 -24.02 -8.23
C TYR B 30 13.92 -23.97 -7.65
N TRP B 31 14.82 -24.80 -8.16
CA TRP B 31 16.05 -25.04 -7.48
C TRP B 31 16.92 -23.82 -7.22
N ARG B 32 16.92 -22.88 -8.14
CA ARG B 32 17.82 -21.74 -7.99
C ARG B 32 17.24 -20.63 -7.10
N HIS B 33 15.99 -20.81 -6.69
CA HIS B 33 15.32 -19.79 -5.84
C HIS B 33 15.47 -20.08 -4.37
N CYS B 34 16.57 -20.71 -3.98
CA CYS B 34 16.64 -21.30 -2.64
C CYS B 34 16.84 -20.29 -1.48
N ALA B 35 17.22 -19.07 -1.83
CA ALA B 35 17.33 -18.02 -0.80
C ALA B 35 16.68 -16.73 -1.27
N VAL B 36 15.52 -16.86 -1.93
CA VAL B 36 14.72 -15.68 -2.37
C VAL B 36 13.76 -15.19 -1.30
N ASP B 37 13.92 -13.91 -0.92
CA ASP B 37 12.95 -13.20 -0.08
C ASP B 37 12.43 -12.06 -0.95
N GLY B 38 11.22 -12.18 -1.51
CA GLY B 38 10.66 -11.12 -2.34
C GLY B 38 9.80 -11.73 -3.40
N PHE B 39 9.47 -10.93 -4.39
CA PHE B 39 8.56 -11.33 -5.47
C PHE B 39 9.38 -11.80 -6.67
N LEU B 40 9.05 -12.95 -7.24
CA LEU B 40 9.87 -13.42 -8.38
C LEU B 40 9.65 -12.56 -9.62
N CYS B 41 10.74 -12.01 -10.19
CA CYS B 41 10.67 -11.15 -11.36
C CYS B 41 10.02 -11.86 -12.55
N SER B 42 10.18 -13.18 -12.61
CA SER B 42 9.58 -13.94 -13.71
C SER B 42 8.05 -13.93 -13.69
N CYS B 43 7.44 -13.50 -12.57
CA CYS B 43 5.99 -13.39 -12.42
C CYS B 43 5.50 -11.93 -12.53
N CYS B 44 6.47 -11.04 -12.75
CA CYS B 44 6.28 -9.61 -12.70
C CYS B 44 6.49 -8.93 -14.06
N GLY B 45 6.48 -9.70 -15.15
CA GLY B 45 6.72 -9.15 -16.44
C GLY B 45 8.17 -9.21 -16.91
N GLY B 46 9.05 -9.80 -16.11
CA GLY B 46 10.43 -10.03 -16.50
C GLY B 46 10.69 -11.53 -16.61
N THR B 47 11.95 -11.90 -16.50
CA THR B 47 12.34 -13.31 -16.50
C THR B 47 13.30 -13.53 -15.37
N THR B 48 13.77 -14.76 -15.24
CA THR B 48 14.71 -15.03 -14.20
C THR B 48 15.98 -14.13 -14.25
N THR B 49 16.39 -13.70 -15.45
CA THR B 49 17.58 -12.88 -15.62
C THR B 49 17.34 -11.55 -16.30
N THR B 50 16.10 -11.07 -16.36
CA THR B 50 15.85 -9.75 -16.89
C THR B 50 14.79 -9.07 -16.04
N CYS B 51 15.03 -7.80 -15.79
CA CYS B 51 14.09 -7.01 -15.00
C CYS B 51 12.85 -6.74 -15.80
N PRO B 52 11.70 -6.69 -15.13
CA PRO B 52 10.50 -6.23 -15.82
C PRO B 52 10.75 -4.85 -16.44
N PRO B 53 10.04 -4.50 -17.52
CA PRO B 53 10.27 -3.23 -18.17
C PRO B 53 10.22 -2.04 -17.19
N GLY B 54 11.19 -1.18 -17.27
CA GLY B 54 11.21 0.05 -16.46
C GLY B 54 11.72 -0.10 -15.05
N SER B 55 12.22 -1.30 -14.70
CA SER B 55 12.87 -1.50 -13.40
C SER B 55 14.36 -1.74 -13.63
N THR B 56 15.16 -1.36 -12.63
CA THR B 56 16.61 -1.32 -12.76
C THR B 56 17.28 -2.42 -11.95
N PRO B 57 18.21 -3.18 -12.52
CA PRO B 57 18.96 -4.15 -11.74
C PRO B 57 19.78 -3.52 -10.61
N SER B 58 19.86 -4.26 -9.51
CA SER B 58 20.75 -3.90 -8.44
C SER B 58 22.20 -4.29 -8.80
N PRO B 59 23.15 -3.42 -8.50
CA PRO B 59 24.57 -3.74 -8.74
C PRO B 59 25.18 -4.70 -7.69
N ILE B 60 24.47 -4.85 -6.58
CA ILE B 60 24.86 -5.67 -5.44
C ILE B 60 23.72 -6.63 -5.14
N SER B 61 24.00 -7.67 -4.36
CA SER B 61 23.02 -8.65 -3.98
C SER B 61 23.50 -9.51 -2.85
N ILE B 63 23.91 -13.55 -1.86
CA ILE B 63 24.37 -14.70 -2.66
C ILE B 63 24.10 -15.94 -1.85
N GLY B 64 23.97 -17.06 -2.53
CA GLY B 64 23.89 -18.32 -1.81
C GLY B 64 24.25 -19.41 -2.78
N THR B 65 24.36 -20.66 -2.31
CA THR B 65 24.54 -21.75 -3.25
C THR B 65 23.31 -22.58 -3.16
N CYS B 66 22.90 -23.04 -4.34
CA CYS B 66 21.74 -23.88 -4.47
C CYS B 66 22.18 -25.13 -5.23
N HIS B 67 21.66 -26.26 -4.80
CA HIS B 67 21.95 -27.54 -5.42
C HIS B 67 21.08 -27.73 -6.63
N ASN B 68 21.71 -28.01 -7.76
CA ASN B 68 20.99 -28.25 -9.00
C ASN B 68 20.71 -29.77 -9.09
N PRO B 69 19.44 -30.17 -9.03
CA PRO B 69 19.14 -31.60 -9.09
C PRO B 69 19.52 -32.24 -10.42
N HIS B 70 19.40 -31.48 -11.50
CA HIS B 70 19.60 -32.00 -12.86
C HIS B 70 21.03 -32.45 -13.16
N ASP B 71 22.03 -31.87 -12.47
CA ASP B 71 23.42 -32.32 -12.63
C ASP B 71 24.14 -32.64 -11.32
N GLY B 72 23.44 -32.52 -10.20
CA GLY B 72 24.01 -32.79 -8.88
C GLY B 72 25.14 -31.86 -8.43
N LYS B 73 25.27 -30.71 -9.09
CA LYS B 73 26.29 -29.71 -8.71
C LYS B 73 25.61 -28.53 -7.97
N ASP B 74 26.34 -27.96 -7.01
CA ASP B 74 25.97 -26.70 -6.36
C ASP B 74 26.47 -25.48 -7.19
N TYR B 75 25.62 -24.47 -7.28
CA TYR B 75 25.92 -23.24 -8.02
C TYR B 75 25.79 -22.04 -7.08
N LEU B 76 26.69 -21.09 -7.26
CA LEU B 76 26.57 -19.77 -6.67
C LEU B 76 25.51 -18.97 -7.42
N ILE B 77 24.50 -18.48 -6.68
CA ILE B 77 23.38 -17.73 -7.23
C ILE B 77 23.49 -16.34 -6.64
N SER B 78 23.34 -15.32 -7.49
CA SER B 78 23.34 -13.94 -7.04
C SER B 78 21.90 -13.44 -7.11
N TYR B 79 21.36 -13.07 -5.96
CA TYR B 79 19.97 -12.65 -5.84
C TYR B 79 19.80 -11.15 -5.99
N HIS B 80 19.96 -10.70 -7.22
CA HIS B 80 19.83 -9.31 -7.54
C HIS B 80 18.39 -8.94 -7.48
N ASP B 81 18.14 -7.71 -7.08
CA ASP B 81 16.80 -7.18 -7.15
C ASP B 81 16.63 -6.29 -8.39
N CYS B 82 15.37 -6.07 -8.75
CA CYS B 82 14.98 -5.02 -9.67
C CYS B 82 14.30 -3.92 -8.87
N CYS B 83 14.63 -2.69 -9.24
CA CYS B 83 14.45 -1.53 -8.39
C CYS B 83 13.82 -0.36 -9.13
N GLY B 84 13.28 0.59 -8.39
CA GLY B 84 12.81 1.83 -8.98
C GLY B 84 11.36 1.76 -9.48
N LYS B 85 10.66 0.72 -9.04
CA LYS B 85 9.22 0.59 -9.18
C LYS B 85 8.69 0.00 -7.88
N THR B 86 7.43 0.27 -7.58
CA THR B 86 6.83 -0.23 -6.36
C THR B 86 6.58 -1.73 -6.45
N ALA B 87 6.25 -2.32 -5.31
CA ALA B 87 6.21 -3.79 -5.12
C ALA B 87 5.36 -4.48 -6.19
N CYS B 88 5.95 -5.43 -6.87
CA CYS B 88 5.23 -6.21 -7.87
C CYS B 88 4.04 -6.93 -7.26
N GLY B 89 4.23 -7.55 -6.09
CA GLY B 89 3.18 -8.23 -5.34
C GLY B 89 2.83 -9.65 -5.77
N ARG B 90 3.50 -10.16 -6.81
CA ARG B 90 3.20 -11.51 -7.33
C ARG B 90 4.31 -12.49 -6.97
N CYS B 91 3.92 -13.75 -6.72
CA CYS B 91 4.90 -14.81 -6.48
C CYS B 91 5.87 -14.46 -5.38
N GLN B 92 5.34 -14.10 -4.21
CA GLN B 92 6.19 -13.85 -3.06
C GLN B 92 6.77 -15.15 -2.54
N CYS B 93 8.09 -15.13 -2.39
CA CYS B 93 8.86 -16.23 -1.79
C CYS B 93 9.59 -15.76 -0.53
N ASN B 94 9.83 -16.69 0.39
CA ASN B 94 10.63 -16.42 1.58
C ASN B 94 11.46 -17.66 1.92
N THR B 95 12.29 -18.08 0.97
CA THR B 95 13.12 -19.26 1.17
C THR B 95 14.45 -18.87 1.75
N GLN B 96 15.01 -19.79 2.55
CA GLN B 96 16.07 -19.42 3.47
C GLN B 96 17.22 -20.42 3.50
N THR B 97 17.35 -21.21 2.44
CA THR B 97 18.41 -22.20 2.41
C THR B 97 19.78 -21.55 2.45
N ARG B 98 20.55 -21.87 3.49
CA ARG B 98 21.92 -21.40 3.70
C ARG B 98 21.96 -19.88 4.03
N GLU B 99 20.79 -19.26 4.16
CA GLU B 99 20.74 -17.84 4.55
C GLU B 99 21.21 -17.60 5.98
N ARG B 100 21.93 -16.49 6.19
CA ARG B 100 22.50 -16.19 7.46
C ARG B 100 22.19 -14.75 7.84
N PRO B 101 22.30 -14.42 9.12
CA PRO B 101 22.00 -13.05 9.56
C PRO B 101 22.97 -12.01 9.07
N GLY B 102 22.68 -10.76 9.38
CA GLY B 102 23.41 -9.66 8.80
C GLY B 102 24.86 -9.50 9.18
N TYR B 103 25.34 -10.20 10.23
CA TYR B 103 26.77 -10.27 10.49
C TYR B 103 27.53 -11.14 9.47
N GLU B 104 26.79 -11.85 8.61
CA GLU B 104 27.32 -12.41 7.35
C GLU B 104 26.55 -11.74 6.21
N PHE B 105 26.86 -10.49 5.95
CA PHE B 105 25.89 -9.62 5.30
C PHE B 105 25.52 -10.04 3.90
N PHE B 106 26.50 -10.49 3.13
CA PHE B 106 26.16 -10.86 1.76
C PHE B 106 25.46 -12.21 1.63
N LEU B 107 25.23 -12.90 2.74
CA LEU B 107 24.40 -14.11 2.74
C LEU B 107 22.97 -13.88 3.29
N HIS B 108 22.64 -12.61 3.55
CA HIS B 108 21.46 -12.23 4.33
C HIS B 108 20.40 -11.65 3.41
N ASN B 109 19.16 -12.12 3.56
CA ASN B 109 18.11 -11.72 2.66
C ASN B 109 16.93 -10.98 3.30
N ASP B 110 17.12 -10.47 4.52
CA ASP B 110 16.07 -9.64 5.18
C ASP B 110 16.36 -8.17 5.03
N VAL B 111 17.21 -7.84 4.06
CA VAL B 111 17.49 -6.46 3.68
C VAL B 111 17.14 -6.25 2.20
N ASN B 112 16.96 -4.98 1.84
CA ASN B 112 16.67 -4.58 0.48
C ASN B 112 17.96 -4.50 -0.32
N TRP B 113 18.17 -5.43 -1.26
CA TRP B 113 19.39 -5.38 -2.06
C TRP B 113 19.35 -4.27 -3.13
N CYS B 114 18.23 -3.51 -3.21
CA CYS B 114 18.15 -2.25 -3.92
C CYS B 114 18.73 -1.06 -3.16
N MET B 115 19.29 -1.31 -1.98
CA MET B 115 19.69 -0.22 -1.05
C MET B 115 20.71 0.79 -1.59
N ALA B 116 21.49 0.40 -2.59
CA ALA B 116 22.45 1.32 -3.20
C ALA B 116 22.05 1.80 -4.59
N ASN B 117 20.85 1.50 -5.04
CA ASN B 117 20.41 1.94 -6.37
C ASN B 117 20.07 3.42 -6.38
N GLU B 118 20.03 4.00 -7.58
CA GLU B 118 19.62 5.39 -7.73
C GLU B 118 18.21 5.59 -7.12
N ASN B 119 17.35 4.61 -7.30
CA ASN B 119 16.09 4.55 -6.56
C ASN B 119 15.96 3.22 -5.88
N SER B 120 15.86 3.26 -4.55
CA SER B 120 15.88 2.04 -3.74
C SER B 120 14.54 1.33 -3.59
N THR B 121 13.48 1.82 -4.24
CA THR B 121 12.19 1.17 -4.10
C THR B 121 12.28 -0.26 -4.66
N PHE B 122 11.86 -1.23 -3.86
CA PHE B 122 11.98 -2.64 -4.20
C PHE B 122 10.83 -3.09 -5.08
N HIS B 123 11.17 -3.67 -6.25
CA HIS B 123 10.14 -4.13 -7.18
C HIS B 123 9.98 -5.66 -7.19
N CYS B 124 11.07 -6.38 -7.47
CA CYS B 124 11.06 -7.83 -7.51
C CYS B 124 12.49 -8.33 -7.38
N THR B 125 12.62 -9.65 -7.18
CA THR B 125 13.91 -10.25 -6.99
C THR B 125 14.13 -11.37 -7.99
N THR B 126 15.40 -11.55 -8.33
CA THR B 126 15.87 -12.48 -9.42
C THR B 126 16.86 -13.45 -8.79
N SER B 127 17.18 -14.52 -9.54
CA SER B 127 18.17 -15.50 -9.10
C SER B 127 19.07 -15.71 -10.30
N VAL B 128 20.25 -15.12 -10.26
CA VAL B 128 21.18 -15.06 -11.38
C VAL B 128 22.31 -16.06 -11.12
N LEU B 129 22.55 -16.94 -12.08
CA LEU B 129 23.57 -17.98 -11.92
C LEU B 129 24.94 -17.38 -12.17
N VAL B 130 25.82 -17.48 -11.19
CA VAL B 130 27.18 -16.94 -11.29
C VAL B 130 28.11 -18.01 -11.84
N GLY B 131 28.03 -19.20 -11.27
CA GLY B 131 28.86 -20.32 -11.69
C GLY B 131 28.91 -21.40 -10.63
N LEU B 132 29.76 -22.41 -10.82
CA LEU B 132 29.84 -23.49 -9.85
C LEU B 132 30.37 -23.00 -8.52
N ALA B 133 29.82 -23.55 -7.44
CA ALA B 133 30.29 -23.26 -6.10
C ALA B 133 31.57 -24.03 -5.80
N LYS B 134 32.29 -23.57 -4.77
CA LYS B 134 33.42 -24.32 -4.20
C LYS B 134 32.87 -25.45 -3.32
N ASN B 135 33.38 -26.66 -3.55
CA ASN B 135 32.87 -27.86 -2.87
C ASN B 135 33.26 -27.90 -1.39
N ARG C 1 -26.78 18.70 17.61
CA ARG C 1 -25.94 19.32 16.56
C ARG C 1 -24.48 19.16 16.95
N GLU C 2 -23.58 19.12 15.95
CA GLU C 2 -22.17 18.69 16.19
C GLU C 2 -21.11 19.38 15.34
N VAL C 3 -19.87 19.40 15.86
CA VAL C 3 -18.74 19.98 15.16
C VAL C 3 -17.61 18.97 15.18
N LEU C 4 -16.97 18.78 14.04
CA LEU C 4 -15.81 17.93 13.96
C LEU C 4 -14.61 18.65 14.55
N THR C 5 -13.97 18.02 15.53
CA THR C 5 -12.76 18.57 16.12
C THR C 5 -11.54 17.70 15.90
N GLY C 6 -10.38 18.36 15.90
CA GLY C 6 -9.11 17.66 15.86
C GLY C 6 -8.22 18.11 17.03
N GLY C 7 -6.94 17.79 16.93
CA GLY C 7 -5.96 18.13 17.97
C GLY C 7 -6.00 17.28 19.24
N HIS C 8 -6.67 16.13 19.19
CA HIS C 8 -6.90 15.26 20.35
C HIS C 8 -5.75 14.31 20.64
N SER C 9 -5.61 13.94 21.91
CA SER C 9 -4.63 12.96 22.31
C SER C 9 -5.20 11.57 22.24
N VAL C 10 -4.29 10.59 22.18
CA VAL C 10 -4.66 9.20 22.25
C VAL C 10 -5.56 8.95 23.48
N SER C 11 -6.62 8.18 23.27
CA SER C 11 -7.70 8.08 24.25
C SER C 11 -7.39 7.18 25.46
N ALA C 12 -6.36 6.34 25.38
CA ALA C 12 -6.01 5.40 26.44
C ALA C 12 -4.70 5.83 27.08
N PRO C 13 -4.48 5.55 28.35
CA PRO C 13 -3.25 5.94 28.99
C PRO C 13 -2.04 5.22 28.36
N GLN C 14 -0.88 5.85 28.48
CA GLN C 14 0.34 5.31 27.87
C GLN C 14 0.58 3.89 28.29
N GLU C 15 0.30 3.58 29.55
CA GLU C 15 0.50 2.22 30.09
C GLU C 15 -0.28 1.11 29.38
N ASN C 16 -1.31 1.45 28.59
CA ASN C 16 -2.11 0.49 27.86
C ASN C 16 -1.67 0.28 26.43
N ARG C 17 -0.69 1.08 25.98
CA ARG C 17 -0.39 1.19 24.54
C ARG C 17 0.68 0.24 24.07
N ILE C 18 0.46 -0.33 22.89
CA ILE C 18 1.44 -1.07 22.13
C ILE C 18 1.52 -0.56 20.71
N TYR C 19 2.63 -0.89 20.05
CA TYR C 19 2.99 -0.37 18.73
C TYR C 19 3.29 -1.53 17.81
N VAL C 20 2.48 -1.65 16.78
CA VAL C 20 2.61 -2.73 15.82
C VAL C 20 3.15 -2.12 14.54
N MET C 21 4.40 -2.47 14.20
CA MET C 21 5.05 -1.87 13.05
C MET C 21 4.61 -2.64 11.81
N ASP C 22 3.75 -2.03 11.01
CA ASP C 22 3.24 -2.69 9.81
C ASP C 22 4.07 -2.34 8.60
N SER C 23 4.89 -3.27 8.15
CA SER C 23 5.68 -3.01 6.95
C SER C 23 4.83 -2.82 5.70
N VAL C 24 3.64 -3.43 5.68
CA VAL C 24 2.80 -3.44 4.47
C VAL C 24 3.70 -3.81 3.26
N PHE C 25 4.37 -4.94 3.37
CA PHE C 25 5.32 -5.35 2.34
C PHE C 25 4.73 -5.33 0.93
N MET C 26 3.47 -5.69 0.75
CA MET C 26 2.86 -5.61 -0.59
C MET C 26 2.78 -4.18 -1.15
N HIS C 27 2.82 -3.17 -0.25
CA HIS C 27 2.83 -1.77 -0.64
C HIS C 27 3.75 -1.03 0.32
N LEU C 28 5.02 -1.40 0.23
CA LEU C 28 6.01 -1.07 1.22
C LEU C 28 6.30 0.44 1.32
N THR C 29 5.87 1.23 0.33
CA THR C 29 6.00 2.68 0.43
C THR C 29 4.96 3.29 1.36
N GLU C 30 4.04 2.47 1.86
CA GLU C 30 2.99 2.95 2.80
C GLU C 30 3.00 2.21 4.11
N SER C 31 4.20 1.89 4.58
CA SER C 31 4.36 1.33 5.90
C SER C 31 3.85 2.29 6.96
N ARG C 32 3.52 1.78 8.12
CA ARG C 32 3.01 2.61 9.22
C ARG C 32 3.08 1.85 10.52
N VAL C 33 3.03 2.60 11.62
CA VAL C 33 2.89 2.04 12.95
C VAL C 33 1.44 2.14 13.38
N HIS C 34 0.86 1.02 13.81
CA HIS C 34 -0.48 1.01 14.40
C HIS C 34 -0.36 0.97 15.89
N VAL C 35 -1.11 1.87 16.56
CA VAL C 35 -1.12 1.95 18.02
C VAL C 35 -2.40 1.27 18.53
N TYR C 36 -2.24 0.31 19.44
CA TYR C 36 -3.35 -0.46 20.00
C TYR C 36 -3.35 -0.38 21.52
N ASP C 37 -4.54 -0.56 22.11
CA ASP C 37 -4.67 -0.76 23.54
C ASP C 37 -4.62 -2.26 23.78
N TYR C 38 -3.61 -2.78 24.48
CA TYR C 38 -3.50 -4.24 24.64
C TYR C 38 -4.56 -4.79 25.60
N THR C 39 -5.19 -3.94 26.39
CA THR C 39 -6.14 -4.41 27.42
C THR C 39 -7.49 -4.77 26.82
N ASN C 40 -7.80 -4.18 25.66
CA ASN C 40 -9.09 -4.38 25.02
C ASN C 40 -9.07 -4.53 23.50
N GLY C 41 -7.89 -4.48 22.88
CA GLY C 41 -7.77 -4.55 21.45
C GLY C 41 -8.18 -3.35 20.63
N LYS C 42 -8.45 -2.23 21.26
CA LYS C 42 -8.91 -1.04 20.57
C LYS C 42 -7.79 -0.39 19.77
N PHE C 43 -8.08 -0.07 18.51
CA PHE C 43 -7.14 0.72 17.67
C PHE C 43 -7.18 2.19 18.13
N LEU C 44 -5.99 2.72 18.46
CA LEU C 44 -5.84 4.05 19.03
C LEU C 44 -5.33 5.14 18.09
N GLY C 45 -4.68 4.75 17.01
CA GLY C 45 -4.13 5.69 16.07
C GLY C 45 -2.97 5.08 15.34
N MET C 46 -2.27 5.90 14.56
CA MET C 46 -1.19 5.42 13.71
CA MET C 46 -1.17 5.41 13.74
C MET C 46 -0.26 6.55 13.33
N VAL C 47 0.97 6.17 12.92
CA VAL C 47 1.96 7.11 12.43
C VAL C 47 2.44 6.61 11.07
N PRO C 48 2.31 7.40 10.02
CA PRO C 48 2.76 6.96 8.69
C PRO C 48 4.27 6.98 8.63
N THR C 49 4.83 5.95 8.00
CA THR C 49 6.31 5.84 7.90
C THR C 49 6.85 5.54 6.52
N ALA C 50 6.14 5.93 5.46
CA ALA C 50 6.67 5.89 4.09
C ALA C 50 7.29 4.54 3.76
N PHE C 51 8.45 4.52 3.13
CA PHE C 51 9.02 3.28 2.66
C PHE C 51 9.76 2.55 3.76
N ASN C 52 9.28 1.37 4.13
CA ASN C 52 9.98 0.50 5.05
C ASN C 52 10.41 1.24 6.31
N GLY C 53 9.43 1.80 6.99
CA GLY C 53 9.68 2.49 8.24
C GLY C 53 10.15 1.57 9.33
N HIS C 54 10.92 2.15 10.24
CA HIS C 54 11.27 1.57 11.54
C HIS C 54 10.77 2.50 12.63
N VAL C 55 10.52 1.95 13.81
CA VAL C 55 9.90 2.69 14.89
C VAL C 55 10.40 2.27 16.27
N GLN C 56 10.43 3.24 17.16
CA GLN C 56 10.64 2.94 18.57
C GLN C 56 9.99 4.04 19.39
N VAL C 57 9.79 3.79 20.66
CA VAL C 57 9.28 4.83 21.56
C VAL C 57 10.43 5.31 22.41
N SER C 58 10.48 6.63 22.67
CA SER C 58 11.50 7.17 23.53
C SER C 58 11.47 6.52 24.92
N ASN C 59 12.63 6.35 25.56
CA ASN C 59 12.69 5.66 26.82
C ASN C 59 11.90 6.38 27.89
N ASP C 60 11.78 7.71 27.77
CA ASP C 60 10.95 8.48 28.72
C ASP C 60 9.46 8.45 28.42
N GLY C 61 9.08 7.76 27.34
CA GLY C 61 7.68 7.61 26.94
C GLY C 61 7.01 8.81 26.30
N LYS C 62 7.75 9.89 26.06
CA LYS C 62 7.13 11.12 25.55
C LYS C 62 7.03 11.24 24.04
N LYS C 63 7.90 10.54 23.31
CA LYS C 63 8.01 10.70 21.87
C LYS C 63 8.03 9.34 21.20
N ILE C 64 7.63 9.33 19.94
CA ILE C 64 7.80 8.18 19.03
C ILE C 64 8.83 8.61 18.01
N TYR C 65 9.81 7.75 17.78
CA TYR C 65 10.79 7.99 16.75
C TYR C 65 10.56 7.05 15.58
N THR C 66 10.62 7.58 14.39
CA THR C 66 10.59 6.75 13.20
C THR C 66 11.84 7.00 12.36
N MET C 67 12.12 6.05 11.50
CA MET C 67 13.19 6.12 10.52
C MET C 67 12.62 5.64 9.19
N THR C 68 12.83 6.41 8.13
CA THR C 68 12.30 6.07 6.84
C THR C 68 13.09 6.70 5.71
N THR C 69 12.67 6.39 4.48
CA THR C 69 13.26 6.94 3.26
C THR C 69 12.16 7.55 2.41
N TYR C 70 12.44 8.75 1.92
CA TYR C 70 11.61 9.41 0.94
C TYR C 70 12.42 9.64 -0.34
N HIS C 71 11.72 9.80 -1.47
CA HIS C 71 12.32 10.34 -2.69
C HIS C 71 11.40 11.39 -3.22
N GLU C 72 11.94 12.37 -3.94
CA GLU C 72 11.15 13.49 -4.40
C GLU C 72 9.94 13.07 -5.22
N ARG C 73 10.06 11.95 -5.95
CA ARG C 73 8.97 11.42 -6.75
C ARG C 73 8.77 9.92 -6.48
N ILE C 74 9.10 9.51 -5.25
CA ILE C 74 8.93 8.17 -4.69
C ILE C 74 9.85 7.14 -5.38
N THR C 75 9.59 6.90 -6.67
CA THR C 75 10.36 5.92 -7.46
C THR C 75 11.45 6.56 -8.32
N ARG C 76 11.58 7.87 -8.24
CA ARG C 76 12.66 8.61 -8.84
C ARG C 76 12.88 9.88 -8.03
N GLY C 77 13.95 10.59 -8.35
CA GLY C 77 14.26 11.81 -7.64
C GLY C 77 15.17 11.60 -6.45
N LYS C 78 15.56 12.69 -5.82
CA LYS C 78 16.55 12.65 -4.74
C LYS C 78 16.05 11.94 -3.50
N ARG C 79 16.93 11.15 -2.90
CA ARG C 79 16.67 10.42 -1.67
C ARG C 79 16.89 11.25 -0.43
N SER C 80 15.97 11.11 0.53
CA SER C 80 16.12 11.66 1.87
C SER C 80 15.86 10.53 2.87
N ASP C 81 16.91 10.09 3.55
CA ASP C 81 16.79 9.20 4.68
C ASP C 81 16.68 10.10 5.92
N VAL C 82 15.75 9.80 6.80
CA VAL C 82 15.49 10.65 7.96
C VAL C 82 15.12 9.84 9.20
N VAL C 83 15.35 10.46 10.36
CA VAL C 83 14.63 10.11 11.58
C VAL C 83 13.60 11.21 11.77
N GLU C 84 12.38 10.83 12.17
CA GLU C 84 11.38 11.81 12.60
C GLU C 84 11.05 11.59 14.05
N VAL C 85 10.81 12.72 14.72
CA VAL C 85 10.32 12.74 16.09
C VAL C 85 8.86 13.13 16.04
N TRP C 86 8.04 12.31 16.67
CA TRP C 86 6.59 12.48 16.74
C TRP C 86 6.18 12.60 18.22
N ASP C 87 5.17 13.42 18.52
CA ASP C 87 4.66 13.43 19.88
C ASP C 87 3.87 12.17 20.16
N ALA C 88 4.15 11.50 21.27
CA ALA C 88 3.53 10.20 21.57
C ALA C 88 2.05 10.30 21.90
N ASP C 89 1.61 11.40 22.49
CA ASP C 89 0.19 11.49 22.83
C ASP C 89 -0.65 12.10 21.71
N LYS C 90 -0.10 13.05 21.00
CA LYS C 90 -0.86 13.69 19.92
C LYS C 90 -0.68 12.96 18.58
N LEU C 91 0.32 12.09 18.48
CA LEU C 91 0.65 11.41 17.21
C LEU C 91 0.82 12.38 16.03
N THR C 92 1.55 13.47 16.32
CA THR C 92 1.88 14.49 15.34
C THR C 92 3.37 14.64 15.14
N PHE C 93 3.72 15.02 13.92
CA PHE C 93 5.11 15.22 13.54
C PHE C 93 5.70 16.46 14.21
N GLU C 94 6.89 16.33 14.79
CA GLU C 94 7.60 17.45 15.42
C GLU C 94 8.81 17.93 14.64
N LYS C 95 9.68 17.00 14.27
CA LYS C 95 10.87 17.38 13.53
C LYS C 95 11.52 16.23 12.82
N GLU C 96 12.27 16.61 11.78
CA GLU C 96 13.01 15.70 10.95
C GLU C 96 14.50 15.91 11.20
N ILE C 97 15.21 14.80 11.25
CA ILE C 97 16.67 14.75 11.38
C ILE C 97 17.22 14.09 10.14
N SER C 98 18.08 14.80 9.43
CA SER C 98 18.64 14.28 8.18
C SER C 98 19.71 13.24 8.46
N LEU C 99 19.64 12.12 7.75
CA LEU C 99 20.64 11.05 7.80
C LEU C 99 21.36 10.97 6.47
N PRO C 100 22.57 10.42 6.48
CA PRO C 100 23.21 10.07 5.23
C PRO C 100 22.36 8.96 4.56
N PRO C 101 22.34 8.92 3.22
CA PRO C 101 21.45 8.02 2.45
C PRO C 101 21.90 6.55 2.44
N LYS C 102 22.01 5.98 3.65
CA LYS C 102 22.41 4.62 3.84
C LYS C 102 21.77 3.97 5.04
N ARG C 103 20.67 4.54 5.56
CA ARG C 103 20.00 3.85 6.68
C ARG C 103 19.55 2.47 6.22
N VAL C 104 19.56 1.51 7.15
CA VAL C 104 19.18 0.15 6.76
C VAL C 104 17.75 0.08 6.25
N GLN C 105 17.61 -0.54 5.09
CA GLN C 105 16.33 -0.92 4.54
C GLN C 105 16.23 -2.43 4.68
N GLY C 106 15.28 -2.86 5.50
CA GLY C 106 15.17 -4.28 5.86
C GLY C 106 14.06 -4.51 6.85
N LEU C 107 13.84 -5.78 7.16
CA LEU C 107 12.78 -6.16 8.06
C LEU C 107 13.04 -5.64 9.48
N ASN C 108 11.95 -5.53 10.24
CA ASN C 108 11.96 -4.79 11.49
C ASN C 108 12.45 -5.58 12.72
N TYR C 109 13.72 -5.99 12.71
CA TYR C 109 14.35 -6.49 13.92
C TYR C 109 14.56 -5.30 14.85
N ASP C 110 14.35 -5.51 16.14
CA ASP C 110 14.52 -4.44 17.13
C ASP C 110 15.87 -3.77 16.99
N GLY C 111 16.91 -4.59 16.76
CA GLY C 111 18.26 -4.06 16.83
C GLY C 111 18.69 -3.17 15.69
N LEU C 112 17.83 -2.92 14.74
CA LEU C 112 18.18 -2.03 13.64
C LEU C 112 17.90 -0.55 13.97
N PHE C 113 17.16 -0.30 15.04
CA PHE C 113 16.75 1.07 15.37
C PHE C 113 16.49 1.12 16.86
N ARG C 114 17.46 1.65 17.62
CA ARG C 114 17.48 1.58 19.07
C ARG C 114 17.86 2.95 19.61
N GLN C 115 18.08 3.03 20.91
CA GLN C 115 18.51 4.26 21.55
C GLN C 115 19.45 3.93 22.68
N THR C 116 20.29 4.86 23.10
CA THR C 116 21.09 4.63 24.29
C THR C 116 20.11 4.58 25.47
N THR C 117 20.53 3.93 26.56
CA THR C 117 19.69 3.80 27.74
C THR C 117 19.22 5.13 28.26
N ASP C 118 20.10 6.12 28.25
CA ASP C 118 19.72 7.45 28.70
C ASP C 118 18.75 8.19 27.82
N GLY C 119 18.48 7.64 26.64
CA GLY C 119 17.54 8.22 25.70
C GLY C 119 18.05 9.44 24.95
N LYS C 120 19.31 9.82 25.15
CA LYS C 120 19.83 11.02 24.52
C LYS C 120 20.16 10.80 23.06
N PHE C 121 20.51 9.58 22.70
CA PHE C 121 20.89 9.27 21.33
C PHE C 121 20.08 8.15 20.74
N ILE C 122 19.69 8.33 19.49
CA ILE C 122 19.14 7.24 18.70
C ILE C 122 20.34 6.55 18.05
N VAL C 123 20.33 5.23 18.00
CA VAL C 123 21.44 4.41 17.53
C VAL C 123 20.84 3.50 16.48
N LEU C 124 21.27 3.66 15.24
CA LEU C 124 20.62 3.01 14.10
C LEU C 124 21.62 2.30 13.18
N GLN C 125 21.14 1.26 12.51
CA GLN C 125 21.99 0.49 11.62
C GLN C 125 21.99 1.08 10.22
N ASN C 126 23.18 1.26 9.66
CA ASN C 126 23.37 1.65 8.26
C ASN C 126 23.90 0.50 7.42
N ALA C 127 23.61 0.55 6.13
CA ALA C 127 24.19 -0.39 5.16
C ALA C 127 24.26 0.30 3.82
N SER C 128 25.46 0.44 3.27
CA SER C 128 25.64 1.11 2.00
C SER C 128 26.08 0.33 0.75
N PRO C 129 26.48 -0.94 0.81
CA PRO C 129 26.18 -1.96 1.81
C PRO C 129 27.21 -2.15 2.92
N ALA C 130 28.28 -1.35 2.93
CA ALA C 130 29.19 -1.40 4.07
C ALA C 130 28.39 -1.03 5.30
N THR C 131 28.60 -1.72 6.40
CA THR C 131 27.77 -1.46 7.59
C THR C 131 28.48 -0.51 8.55
N SER C 132 27.68 0.33 9.18
CA SER C 132 28.12 1.21 10.23
C SER C 132 26.91 1.51 11.08
N ILE C 133 27.16 2.07 12.24
CA ILE C 133 26.08 2.42 13.17
C ILE C 133 26.02 3.94 13.29
N GLY C 134 24.86 4.51 12.97
CA GLY C 134 24.68 5.95 13.02
C GLY C 134 24.15 6.38 14.39
N ILE C 135 24.60 7.55 14.83
CA ILE C 135 24.22 8.14 16.13
C ILE C 135 23.55 9.47 15.87
N VAL C 136 22.32 9.64 16.36
CA VAL C 136 21.56 10.87 16.27
C VAL C 136 21.37 11.47 17.67
N ASP C 137 21.76 12.73 17.84
CA ASP C 137 21.48 13.48 19.06
C ASP C 137 20.05 14.04 18.93
N VAL C 138 19.13 13.48 19.72
CA VAL C 138 17.70 13.78 19.54
C VAL C 138 17.42 15.28 19.79
N ALA C 139 17.90 15.76 20.91
CA ALA C 139 17.65 17.15 21.31
C ALA C 139 18.25 18.14 20.33
N LYS C 140 19.47 17.89 19.88
CA LYS C 140 20.07 18.77 18.89
C LYS C 140 19.48 18.62 17.51
N GLY C 141 18.87 17.48 17.24
CA GLY C 141 18.23 17.26 15.94
C GLY C 141 19.22 17.00 14.85
N ASP C 142 20.34 16.35 15.22
CA ASP C 142 21.47 16.15 14.31
C ASP C 142 22.03 14.74 14.34
N TYR C 143 22.45 14.28 13.17
CA TYR C 143 23.30 13.08 13.01
C TYR C 143 24.70 13.49 13.43
N VAL C 144 25.25 12.86 14.47
CA VAL C 144 26.48 13.36 15.08
C VAL C 144 27.68 12.40 15.00
N GLU C 145 27.45 11.15 14.66
CA GLU C 145 28.52 10.16 14.63
C GLU C 145 28.18 9.00 13.71
N ASP C 146 29.19 8.45 13.05
CA ASP C 146 29.02 7.30 12.20
C ASP C 146 30.05 6.32 12.68
N VAL C 147 29.58 5.26 13.35
CA VAL C 147 30.44 4.29 13.96
C VAL C 147 30.81 3.28 12.90
N THR C 148 31.77 3.69 12.07
CA THR C 148 32.30 2.82 11.04
C THR C 148 33.21 1.73 11.61
N ALA C 149 33.59 1.86 12.88
CA ALA C 149 34.21 0.72 13.58
C ALA C 149 33.39 -0.56 13.61
N ALA C 150 32.05 -0.45 13.42
CA ALA C 150 31.20 -1.57 13.39
C ALA C 150 31.07 -2.21 12.00
N ALA C 151 31.93 -1.84 11.05
CA ALA C 151 31.96 -2.52 9.75
C ALA C 151 32.11 -4.01 9.93
N GLY C 152 31.33 -4.77 9.18
CA GLY C 152 31.32 -6.22 9.35
C GLY C 152 30.58 -6.77 10.56
N CYS C 153 29.89 -5.86 11.26
CA CYS C 153 29.03 -6.23 12.34
C CYS C 153 27.60 -5.88 11.98
N TRP C 154 26.67 -6.28 12.84
CA TRP C 154 25.26 -6.03 12.57
C TRP C 154 24.42 -5.99 13.84
N SER C 155 23.56 -4.98 13.89
CA SER C 155 22.52 -4.76 14.89
C SER C 155 23.07 -4.11 16.16
N VAL C 156 22.17 -3.48 16.88
CA VAL C 156 22.49 -2.69 18.07
C VAL C 156 21.79 -3.29 19.26
N ILE C 157 22.58 -3.62 20.28
CA ILE C 157 22.07 -4.14 21.56
C ILE C 157 22.50 -3.14 22.62
N PRO C 158 21.61 -2.25 23.05
CA PRO C 158 21.97 -1.32 24.12
C PRO C 158 22.28 -2.08 25.38
N GLN C 159 23.23 -1.59 26.15
CA GLN C 159 23.47 -2.10 27.50
C GLN C 159 22.53 -1.38 28.45
N PRO C 160 21.53 -2.07 29.01
CA PRO C 160 20.57 -1.40 29.88
C PRO C 160 21.12 -0.89 31.20
N ASN C 161 22.36 -1.27 31.53
CA ASN C 161 23.01 -0.83 32.75
C ASN C 161 23.98 0.33 32.61
N ARG C 162 24.14 0.86 31.39
CA ARG C 162 24.97 2.04 31.17
C ARG C 162 24.29 3.01 30.26
N PRO C 163 24.59 4.29 30.46
CA PRO C 163 23.81 5.35 29.78
C PRO C 163 23.98 5.51 28.27
N ARG C 164 25.19 5.25 27.75
CA ARG C 164 25.55 5.56 26.37
C ARG C 164 26.48 4.48 25.83
N SER C 165 26.11 3.24 26.02
CA SER C 165 26.88 2.06 25.59
C SER C 165 25.97 1.05 24.90
N PHE C 166 26.52 0.42 23.88
CA PHE C 166 25.81 -0.59 23.14
C PHE C 166 26.77 -1.58 22.52
N MET C 167 26.24 -2.72 22.10
CA MET C 167 27.02 -3.80 21.50
C MET C 167 26.48 -4.16 20.14
N THR C 168 27.32 -4.77 19.32
CA THR C 168 26.89 -5.26 18.04
C THR C 168 27.54 -6.61 17.81
N ILE C 169 26.93 -7.40 16.96
CA ILE C 169 27.42 -8.79 16.73
C ILE C 169 28.27 -8.77 15.46
N CYS C 170 29.45 -9.37 15.53
CA CYS C 170 30.40 -9.25 14.45
C CYS C 170 30.63 -10.55 13.70
N GLY C 171 31.14 -10.40 12.49
CA GLY C 171 31.40 -11.54 11.61
C GLY C 171 32.49 -12.46 12.12
N ASP C 172 33.23 -12.03 13.15
CA ASP C 172 34.21 -12.91 13.84
C ASP C 172 33.61 -13.77 14.96
N GLY C 173 32.30 -13.68 15.17
CA GLY C 173 31.63 -14.49 16.17
C GLY C 173 31.71 -13.92 17.58
N GLY C 174 32.21 -12.70 17.67
CA GLY C 174 32.27 -11.99 18.93
C GLY C 174 31.35 -10.78 18.92
N LEU C 175 31.41 -10.01 20.00
CA LEU C 175 30.66 -8.75 20.09
C LEU C 175 31.64 -7.60 20.12
N LEU C 176 31.22 -6.47 19.57
CA LEU C 176 31.93 -5.22 19.68
C LEU C 176 31.10 -4.29 20.54
N THR C 177 31.71 -3.72 21.59
CA THR C 177 31.07 -2.79 22.51
C THR C 177 31.57 -1.41 22.24
N ILE C 178 30.64 -0.46 22.12
CA ILE C 178 30.94 0.95 21.88
C ILE C 178 30.39 1.78 23.04
N ASN C 179 31.24 2.67 23.57
CA ASN C 179 30.90 3.63 24.59
C ASN C 179 31.01 5.01 24.00
N LEU C 180 29.93 5.79 24.06
CA LEU C 180 29.91 7.15 23.52
C LEU C 180 30.22 8.20 24.57
N GLY C 181 30.85 9.27 24.11
CA GLY C 181 31.09 10.45 24.91
C GLY C 181 29.90 11.38 24.96
N GLU C 182 30.12 12.51 25.60
CA GLU C 182 29.04 13.46 25.90
C GLU C 182 28.31 13.98 24.66
N ASP C 183 29.02 14.05 23.55
CA ASP C 183 28.45 14.58 22.31
C ASP C 183 27.97 13.48 21.38
N GLY C 184 28.04 12.24 21.80
CA GLY C 184 27.62 11.13 20.94
C GLY C 184 28.71 10.50 20.09
N LYS C 185 29.91 11.05 20.13
CA LYS C 185 31.01 10.51 19.36
C LYS C 185 31.60 9.35 20.14
N VAL C 186 32.21 8.43 19.42
CA VAL C 186 32.81 7.25 20.07
C VAL C 186 33.93 7.72 21.03
N ALA C 187 33.95 7.14 22.24
CA ALA C 187 34.98 7.38 23.24
C ALA C 187 35.86 6.15 23.43
N SER C 188 35.27 4.98 23.54
CA SER C 188 36.05 3.77 23.70
C SER C 188 35.30 2.58 23.14
N GLN C 189 36.01 1.48 22.97
CA GLN C 189 35.41 0.29 22.39
C GLN C 189 36.22 -0.92 22.79
N SER C 190 35.64 -2.08 22.65
CA SER C 190 36.34 -3.33 22.84
C SER C 190 35.63 -4.48 22.17
N ARG C 191 36.41 -5.44 21.68
CA ARG C 191 35.88 -6.67 21.14
C ARG C 191 36.00 -7.79 22.17
N SER C 192 34.94 -8.58 22.28
CA SER C 192 34.94 -9.72 23.16
C SER C 192 35.78 -10.81 22.54
N LYS C 193 36.06 -11.85 23.34
CA LYS C 193 36.55 -13.11 22.77
C LYS C 193 35.44 -13.72 21.93
N GLN C 194 35.77 -14.73 21.15
CA GLN C 194 34.78 -15.30 20.25
C GLN C 194 33.71 -16.01 21.07
N MET C 195 32.43 -15.70 20.78
CA MET C 195 31.33 -16.29 21.51
C MET C 195 30.79 -17.54 20.83
N PHE C 196 30.56 -17.45 19.52
CA PHE C 196 29.98 -18.55 18.74
C PHE C 196 30.77 -18.75 17.44
N SER C 197 30.69 -19.98 16.91
CA SER C 197 31.24 -20.27 15.60
C SER C 197 30.25 -19.81 14.55
N VAL C 198 30.67 -18.86 13.73
CA VAL C 198 29.83 -18.34 12.67
C VAL C 198 29.45 -19.45 11.72
N LYS C 199 30.43 -20.26 11.32
CA LYS C 199 30.14 -21.36 10.40
C LYS C 199 29.33 -22.47 11.03
N ASP C 200 29.69 -22.87 12.25
CA ASP C 200 29.12 -24.09 12.82
C ASP C 200 27.89 -23.90 13.68
N ASP C 201 27.66 -22.69 14.20
CA ASP C 201 26.54 -22.52 15.11
C ASP C 201 26.08 -21.07 15.10
N PRO C 202 25.62 -20.59 13.96
CA PRO C 202 25.23 -19.18 13.88
C PRO C 202 24.06 -18.87 14.82
N ILE C 203 24.11 -17.69 15.43
CA ILE C 203 23.07 -17.22 16.30
C ILE C 203 22.09 -16.29 15.57
N PHE C 204 20.87 -16.31 16.09
CA PHE C 204 19.88 -15.29 15.79
C PHE C 204 20.37 -14.00 16.45
N ILE C 205 20.15 -12.87 15.77
CA ILE C 205 20.59 -11.58 16.32
C ILE C 205 19.76 -11.09 17.50
N ALA C 206 18.52 -11.54 17.60
CA ALA C 206 17.64 -11.04 18.65
C ALA C 206 18.12 -11.41 20.06
N PRO C 207 18.46 -10.45 20.91
CA PRO C 207 18.85 -10.81 22.25
C PRO C 207 17.70 -11.08 23.20
N ALA C 208 17.93 -12.00 24.15
CA ALA C 208 17.08 -12.09 25.31
C ALA C 208 17.85 -11.28 26.36
N LEU C 209 17.42 -10.04 26.55
CA LEU C 209 18.25 -9.01 27.15
C LEU C 209 17.92 -8.78 28.61
N ASP C 210 18.91 -9.01 29.46
CA ASP C 210 18.84 -8.67 30.87
C ASP C 210 19.53 -7.32 31.06
N LYS C 211 19.54 -6.83 32.29
CA LYS C 211 20.11 -5.52 32.56
C LYS C 211 21.63 -5.54 32.41
N ASP C 212 22.23 -6.70 32.64
CA ASP C 212 23.70 -6.87 32.62
C ASP C 212 24.24 -8.00 31.76
N LYS C 213 23.36 -8.65 31.02
CA LYS C 213 23.78 -9.75 30.18
C LYS C 213 22.76 -9.94 29.10
N ALA C 214 23.19 -10.55 28.00
CA ALA C 214 22.30 -10.87 26.89
C ALA C 214 22.50 -12.35 26.54
N HIS C 215 21.41 -13.03 26.30
CA HIS C 215 21.45 -14.40 25.79
C HIS C 215 20.99 -14.40 24.36
N PHE C 216 21.59 -15.32 23.60
CA PHE C 216 21.25 -15.52 22.22
C PHE C 216 21.03 -17.00 21.93
N VAL C 217 20.11 -17.32 21.04
CA VAL C 217 19.87 -18.71 20.64
C VAL C 217 20.41 -18.93 19.25
N SER C 218 20.79 -20.17 18.95
CA SER C 218 21.40 -20.50 17.67
C SER C 218 20.45 -21.25 16.76
N TYR C 219 20.81 -21.30 15.49
CA TYR C 219 20.05 -22.04 14.49
C TYR C 219 19.83 -23.50 14.93
N TYR C 220 20.74 -24.06 15.72
CA TYR C 220 20.62 -25.47 16.17
C TYR C 220 20.11 -25.63 17.60
N GLY C 221 19.63 -24.56 18.23
CA GLY C 221 19.02 -24.67 19.54
C GLY C 221 19.97 -24.54 20.72
N ASN C 222 21.14 -23.98 20.51
CA ASN C 222 22.06 -23.70 21.59
C ASN C 222 21.85 -22.28 22.08
N VAL C 223 22.36 -22.02 23.27
CA VAL C 223 22.29 -20.72 23.91
C VAL C 223 23.68 -20.23 24.25
N TYR C 224 23.94 -18.97 23.89
CA TYR C 224 25.16 -18.25 24.17
C TYR C 224 24.83 -17.04 25.04
N SER C 225 25.81 -16.57 25.80
CA SER C 225 25.63 -15.39 26.68
C SER C 225 26.78 -14.44 26.56
N ALA C 226 26.45 -13.16 26.65
CA ALA C 226 27.43 -12.10 26.74
C ALA C 226 27.12 -11.31 28.02
N ASP C 227 28.07 -11.32 28.96
CA ASP C 227 27.91 -10.66 30.25
C ASP C 227 28.65 -9.35 30.22
N PHE C 228 27.91 -8.26 30.46
CA PHE C 228 28.46 -6.93 30.49
C PHE C 228 28.24 -6.25 31.83
N SER C 229 28.33 -7.04 32.92
CA SER C 229 28.32 -6.47 34.26
C SER C 229 29.51 -5.55 34.48
N GLY C 230 30.61 -5.84 33.79
CA GLY C 230 31.79 -4.98 33.79
C GLY C 230 32.05 -4.34 32.46
N ASP C 231 33.18 -3.64 32.38
CA ASP C 231 33.58 -2.99 31.16
C ASP C 231 34.03 -3.98 30.08
N GLU C 232 34.56 -5.14 30.46
CA GLU C 232 34.91 -6.17 29.49
C GLU C 232 33.76 -7.17 29.38
N VAL C 233 33.29 -7.40 28.15
CA VAL C 233 32.21 -8.34 27.89
C VAL C 233 32.79 -9.75 27.90
N LYS C 234 32.18 -10.60 28.73
CA LYS C 234 32.59 -11.99 28.91
C LYS C 234 31.56 -12.90 28.31
N VAL C 235 32.02 -13.86 27.51
CA VAL C 235 31.13 -14.63 26.71
C VAL C 235 31.19 -16.10 27.12
N ASP C 236 30.09 -16.77 26.93
CA ASP C 236 30.02 -18.18 27.26
C ASP C 236 29.00 -18.88 26.39
N GLY C 237 29.02 -20.21 26.48
CA GLY C 237 28.11 -21.06 25.74
C GLY C 237 28.89 -21.93 24.78
N PRO C 238 28.26 -22.95 24.23
CA PRO C 238 26.83 -23.18 24.21
C PRO C 238 26.32 -24.04 25.36
N TRP C 239 25.07 -23.81 25.74
CA TRP C 239 24.24 -24.86 26.36
C TRP C 239 23.01 -25.08 25.51
N SER C 240 22.50 -26.31 25.50
CA SER C 240 21.40 -26.66 24.62
C SER C 240 20.05 -26.46 25.26
N LEU C 241 19.13 -25.88 24.47
CA LEU C 241 17.72 -25.79 24.80
C LEU C 241 17.04 -27.14 24.81
N LEU C 242 17.73 -28.14 24.27
CA LEU C 242 17.09 -29.40 23.88
C LEU C 242 17.48 -30.53 24.82
N ASN C 243 16.47 -31.27 25.27
CA ASN C 243 16.73 -32.57 25.91
C ASN C 243 16.80 -33.66 24.82
N ASP C 244 17.02 -34.91 25.21
CA ASP C 244 17.17 -35.97 24.21
C ASP C 244 15.89 -36.21 23.40
N GLU C 245 14.73 -36.17 24.04
CA GLU C 245 13.44 -36.27 23.33
C GLU C 245 13.28 -35.15 22.29
N ASP C 246 13.64 -33.93 22.68
CA ASP C 246 13.59 -32.79 21.76
C ASP C 246 14.53 -32.99 20.56
N LYS C 247 15.75 -33.43 20.83
CA LYS C 247 16.73 -33.64 19.78
C LYS C 247 16.25 -34.67 18.77
N ALA C 248 15.60 -35.72 19.25
CA ALA C 248 15.10 -36.79 18.39
C ALA C 248 14.04 -36.32 17.41
N LYS C 249 13.37 -35.20 17.74
CA LYS C 249 12.35 -34.64 16.87
C LYS C 249 12.88 -33.40 16.12
N ASN C 250 14.19 -33.13 16.25
CA ASN C 250 14.86 -32.05 15.57
C ASN C 250 14.22 -30.67 15.88
N TRP C 251 13.78 -30.48 17.11
CA TRP C 251 13.28 -29.14 17.51
C TRP C 251 14.39 -28.10 17.37
N VAL C 252 14.06 -26.93 16.84
CA VAL C 252 15.02 -25.82 16.73
C VAL C 252 14.24 -24.51 16.87
N PRO C 253 14.93 -23.42 17.15
CA PRO C 253 14.24 -22.12 17.16
C PRO C 253 13.92 -21.65 15.77
N GLY C 254 12.91 -20.79 15.68
CA GLY C 254 12.63 -20.13 14.43
C GLY C 254 11.81 -18.87 14.65
N GLY C 255 12.09 -17.85 13.81
CA GLY C 255 11.34 -16.61 13.89
C GLY C 255 12.20 -15.42 13.59
N TYR C 256 11.74 -14.24 14.03
CA TYR C 256 12.44 -12.99 13.75
C TYR C 256 12.90 -12.37 15.08
N ASN C 257 12.04 -11.56 15.71
CA ASN C 257 12.29 -11.12 17.08
C ASN C 257 11.80 -12.23 17.99
N LEU C 258 12.59 -13.32 18.04
CA LEU C 258 12.06 -14.65 18.45
C LEU C 258 12.29 -15.03 19.88
N VAL C 259 12.97 -14.17 20.65
CA VAL C 259 13.24 -14.44 22.06
C VAL C 259 12.90 -13.27 22.97
N GLY C 260 12.82 -13.55 24.26
CA GLY C 260 12.58 -12.52 25.26
C GLY C 260 13.03 -13.02 26.61
N LEU C 261 13.28 -12.11 27.52
CA LEU C 261 13.68 -12.44 28.87
C LEU C 261 12.80 -11.74 29.87
N HIS C 262 12.28 -12.49 30.84
CA HIS C 262 11.62 -11.91 31.99
C HIS C 262 12.67 -11.79 33.07
N ARG C 263 13.07 -10.57 33.39
CA ARG C 263 14.30 -10.33 34.12
C ARG C 263 14.18 -10.75 35.57
N ALA C 264 13.01 -10.56 36.16
CA ALA C 264 12.86 -10.86 37.59
C ALA C 264 13.01 -12.35 37.88
N SER C 265 12.51 -13.17 36.96
CA SER C 265 12.60 -14.64 37.09
C SER C 265 13.79 -15.30 36.41
N GLY C 266 14.37 -14.62 35.42
CA GLY C 266 15.39 -15.20 34.56
C GLY C 266 14.83 -16.14 33.51
N ARG C 267 13.51 -16.14 33.30
CA ARG C 267 12.91 -16.98 32.29
C ARG C 267 13.14 -16.43 30.90
N MET C 268 13.61 -17.29 30.01
CA MET C 268 13.76 -16.92 28.61
C MET C 268 12.69 -17.61 27.78
N TYR C 269 12.10 -16.86 26.84
CA TYR C 269 10.99 -17.27 25.99
C TYR C 269 11.55 -17.42 24.59
N VAL C 270 11.28 -18.54 23.93
CA VAL C 270 11.81 -18.81 22.62
C VAL C 270 10.77 -19.51 21.74
N PHE C 271 10.62 -19.05 20.50
CA PHE C 271 9.79 -19.73 19.48
C PHE C 271 10.53 -20.93 18.89
N MET C 272 9.85 -22.09 18.92
CA MET C 272 10.43 -23.34 18.46
C MET C 272 9.52 -24.10 17.50
N HIS C 273 10.13 -24.91 16.65
CA HIS C 273 9.36 -25.79 15.76
C HIS C 273 10.11 -27.10 15.59
N PRO C 274 9.35 -28.18 15.37
CA PRO C 274 9.94 -29.47 15.13
C PRO C 274 10.45 -29.63 13.72
N ASP C 275 11.20 -30.70 13.48
CA ASP C 275 11.61 -31.07 12.13
C ASP C 275 12.47 -29.98 11.52
N GLY C 276 13.32 -29.40 12.36
CA GLY C 276 14.25 -28.38 11.92
C GLY C 276 15.29 -28.92 10.99
N LYS C 277 15.61 -28.12 9.98
CA LYS C 277 16.68 -28.41 9.07
C LYS C 277 17.12 -27.10 8.44
N GLU C 278 18.14 -27.20 7.59
CA GLU C 278 18.64 -26.03 6.89
C GLU C 278 17.48 -25.36 6.17
N GLY C 279 17.32 -24.05 6.40
CA GLY C 279 16.24 -23.28 5.78
C GLY C 279 15.00 -23.05 6.61
N THR C 280 14.94 -23.56 7.85
CA THR C 280 13.73 -23.41 8.64
C THR C 280 13.84 -22.37 9.75
N HIS C 281 14.87 -21.54 9.70
CA HIS C 281 15.16 -20.67 10.84
C HIS C 281 14.19 -19.49 10.99
N LYS C 282 13.36 -19.25 9.97
CA LYS C 282 12.32 -18.22 10.04
C LYS C 282 10.90 -18.80 10.08
N PHE C 283 10.80 -20.11 10.32
CA PHE C 283 9.49 -20.73 10.41
C PHE C 283 8.70 -20.24 11.60
N PRO C 284 7.38 -20.18 11.46
CA PRO C 284 6.51 -19.87 12.59
C PRO C 284 6.62 -20.86 13.77
N ALA C 285 6.35 -20.35 14.96
CA ALA C 285 6.39 -21.17 16.17
C ALA C 285 5.31 -22.25 16.20
N ALA C 286 5.73 -23.49 16.33
CA ALA C 286 4.82 -24.54 16.74
C ALA C 286 4.54 -24.39 18.23
N GLU C 287 5.58 -24.01 18.97
CA GLU C 287 5.50 -23.86 20.40
C GLU C 287 6.32 -22.65 20.86
N ILE C 288 5.97 -22.12 22.03
CA ILE C 288 6.82 -21.27 22.81
C ILE C 288 7.37 -22.12 23.94
N TRP C 289 8.69 -22.12 24.08
CA TRP C 289 9.34 -22.76 25.22
C TRP C 289 9.78 -21.70 26.18
N VAL C 290 9.69 -22.03 27.45
CA VAL C 290 10.04 -21.14 28.53
C VAL C 290 11.17 -21.83 29.28
N MET C 291 12.34 -21.18 29.30
CA MET C 291 13.55 -21.75 29.88
C MET C 291 13.96 -21.00 31.12
N ASP C 292 14.37 -21.71 32.16
CA ASP C 292 15.01 -21.07 33.30
C ASP C 292 16.48 -20.92 32.95
N THR C 293 16.97 -19.70 32.80
CA THR C 293 18.34 -19.52 32.37
C THR C 293 19.38 -19.83 33.43
N LYS C 294 18.96 -19.90 34.69
CA LYS C 294 19.89 -20.28 35.77
C LYS C 294 20.05 -21.81 35.84
N THR C 295 18.94 -22.53 35.81
CA THR C 295 18.98 -24.01 35.86
C THR C 295 19.21 -24.64 34.50
N LYS C 296 19.01 -23.85 33.43
CA LYS C 296 19.22 -24.29 32.06
C LYS C 296 18.28 -25.42 31.64
N GLN C 297 17.10 -25.42 32.23
CA GLN C 297 16.07 -26.41 31.96
C GLN C 297 14.80 -25.72 31.50
N ARG C 298 14.05 -26.40 30.65
CA ARG C 298 12.73 -25.95 30.23
C ARG C 298 11.74 -26.07 31.37
N VAL C 299 10.97 -25.01 31.61
CA VAL C 299 9.94 -25.03 32.66
C VAL C 299 8.50 -24.99 32.15
N ALA C 300 8.32 -24.69 30.85
CA ALA C 300 7.01 -24.73 30.22
C ALA C 300 7.11 -24.80 28.70
N ARG C 301 6.07 -25.31 28.07
CA ARG C 301 5.94 -25.32 26.63
C ARG C 301 4.46 -25.14 26.34
N ILE C 302 4.14 -24.24 25.40
CA ILE C 302 2.75 -23.95 25.04
C ILE C 302 2.63 -23.80 23.54
N PRO C 303 1.41 -23.90 23.03
CA PRO C 303 1.20 -23.69 21.60
C PRO C 303 1.68 -22.30 21.14
N GLY C 304 2.34 -22.30 19.98
CA GLY C 304 2.99 -21.10 19.46
C GLY C 304 2.08 -20.18 18.69
N ARG C 305 0.91 -20.67 18.26
CA ARG C 305 -0.04 -19.87 17.48
C ARG C 305 0.60 -19.26 16.24
N ASP C 306 1.57 -19.97 15.68
CA ASP C 306 2.27 -19.55 14.46
C ASP C 306 2.98 -18.21 14.61
N ALA C 307 3.33 -17.88 15.82
CA ALA C 307 4.02 -16.60 16.05
C ALA C 307 5.44 -16.57 15.49
N LEU C 308 5.85 -15.35 15.13
CA LEU C 308 7.19 -15.08 14.59
C LEU C 308 8.01 -14.11 15.42
N SER C 309 7.34 -13.18 16.08
CA SER C 309 8.00 -12.18 16.90
C SER C 309 7.30 -11.96 18.21
N MET C 310 8.04 -11.48 19.21
CA MET C 310 7.52 -11.23 20.55
C MET C 310 8.15 -10.01 21.16
N THR C 311 7.58 -9.59 22.28
CA THR C 311 8.21 -8.60 23.16
C THR C 311 7.71 -8.84 24.59
N ILE C 312 8.48 -8.37 25.59
CA ILE C 312 8.19 -8.58 27.00
C ILE C 312 8.04 -7.24 27.68
N ASP C 313 7.02 -7.14 28.53
CA ASP C 313 6.93 -6.08 29.52
C ASP C 313 7.25 -6.62 30.90
N GLN C 314 8.27 -6.03 31.50
CA GLN C 314 8.81 -6.52 32.76
C GLN C 314 7.88 -6.26 33.94
N GLN C 315 7.41 -5.03 34.07
CA GLN C 315 6.66 -4.65 35.27
C GLN C 315 5.27 -5.25 35.34
N ARG C 316 4.62 -5.42 34.19
CA ARG C 316 3.28 -6.00 34.14
C ARG C 316 3.32 -7.50 33.85
N ASN C 317 4.55 -8.04 33.71
CA ASN C 317 4.75 -9.46 33.48
C ASN C 317 3.90 -9.94 32.31
N LEU C 318 4.14 -9.32 31.14
CA LEU C 318 3.41 -9.66 29.93
C LEU C 318 4.35 -10.02 28.82
N MET C 319 3.88 -10.92 27.95
CA MET C 319 4.51 -11.19 26.68
C MET C 319 3.50 -10.98 25.55
N LEU C 320 3.89 -10.26 24.51
CA LEU C 320 3.12 -10.18 23.28
C LEU C 320 3.76 -11.06 22.25
N THR C 321 2.94 -11.74 21.46
CA THR C 321 3.44 -12.42 20.29
C THR C 321 2.67 -11.99 19.08
N LEU C 322 3.29 -12.21 17.92
CA LEU C 322 2.79 -11.67 16.69
C LEU C 322 3.08 -12.65 15.57
N ASP C 323 2.04 -12.99 14.81
CA ASP C 323 2.18 -13.93 13.71
C ASP C 323 2.29 -13.28 12.31
N GLY C 324 2.39 -11.95 12.26
CA GLY C 324 2.40 -11.19 11.02
C GLY C 324 1.18 -10.30 10.89
N GLY C 325 0.05 -10.72 11.47
CA GLY C 325 -1.19 -9.93 11.44
C GLY C 325 -1.94 -9.81 12.76
N ASN C 326 -1.79 -10.79 13.65
CA ASN C 326 -2.49 -10.83 14.92
C ASN C 326 -1.53 -10.81 16.07
N VAL C 327 -1.95 -10.16 17.15
CA VAL C 327 -1.13 -10.04 18.35
C VAL C 327 -1.81 -10.79 19.48
N ASN C 328 -1.05 -11.68 20.11
CA ASN C 328 -1.48 -12.39 21.30
C ASN C 328 -0.89 -11.80 22.56
N VAL C 329 -1.71 -11.66 23.59
CA VAL C 329 -1.30 -11.10 24.86
C VAL C 329 -1.28 -12.19 25.92
N TYR C 330 -0.13 -12.41 26.53
CA TYR C 330 0.06 -13.44 27.57
C TYR C 330 0.49 -12.84 28.89
N ASP C 331 -0.05 -13.42 29.96
CA ASP C 331 0.38 -13.16 31.32
C ASP C 331 1.51 -14.16 31.57
N ILE C 332 2.70 -13.66 31.87
CA ILE C 332 3.86 -14.50 32.19
C ILE C 332 4.35 -14.33 33.62
N SER C 333 3.45 -13.98 34.54
CA SER C 333 3.79 -13.86 35.96
C SER C 333 4.17 -15.20 36.60
N GLN C 334 3.71 -16.29 36.03
CA GLN C 334 4.07 -17.64 36.47
C GLN C 334 4.82 -18.35 35.34
N PRO C 335 5.53 -19.44 35.64
CA PRO C 335 6.27 -20.16 34.59
C PRO C 335 5.45 -20.57 33.36
N GLU C 336 4.20 -21.01 33.56
CA GLU C 336 3.34 -21.32 32.44
C GLU C 336 2.64 -20.04 31.98
N PRO C 337 2.87 -19.57 30.73
CA PRO C 337 2.13 -18.42 30.24
C PRO C 337 0.65 -18.70 30.09
N LYS C 338 -0.14 -17.66 30.28
CA LYS C 338 -1.58 -17.70 30.16
C LYS C 338 -2.02 -16.72 29.09
N LEU C 339 -2.69 -17.22 28.05
CA LEU C 339 -3.22 -16.41 26.98
C LEU C 339 -4.39 -15.60 27.46
N LEU C 340 -4.30 -14.28 27.36
CA LEU C 340 -5.35 -13.38 27.81
C LEU C 340 -6.29 -12.92 26.72
N ARG C 341 -5.75 -12.65 25.52
CA ARG C 341 -6.56 -12.23 24.38
C ARG C 341 -5.73 -12.22 23.12
N THR C 342 -6.42 -12.22 21.98
CA THR C 342 -5.81 -12.04 20.68
C THR C 342 -6.43 -10.82 20.02
N ILE C 343 -5.59 -9.95 19.47
CA ILE C 343 -6.03 -8.77 18.74
C ILE C 343 -5.90 -9.15 17.29
N GLU C 344 -7.04 -9.34 16.62
CA GLU C 344 -7.03 -9.78 15.22
C GLU C 344 -6.88 -8.61 14.25
N GLY C 345 -6.09 -8.80 13.20
CA GLY C 345 -5.99 -7.80 12.15
C GLY C 345 -5.30 -6.53 12.58
N ALA C 346 -4.32 -6.69 13.46
CA ALA C 346 -3.49 -5.58 13.93
C ALA C 346 -2.57 -5.03 12.85
N ALA C 347 -2.28 -5.84 11.84
CA ALA C 347 -1.39 -5.43 10.78
C ALA C 347 -1.60 -6.37 9.62
N GLU C 348 -1.14 -5.93 8.45
CA GLU C 348 -1.08 -6.80 7.29
C GLU C 348 0.21 -7.57 7.19
N ALA C 349 1.32 -6.93 7.55
CA ALA C 349 2.64 -7.57 7.48
C ALA C 349 3.58 -6.97 8.52
N SER C 350 3.41 -7.40 9.77
CA SER C 350 4.24 -6.92 10.88
C SER C 350 5.09 -8.03 11.47
N LEU C 351 6.37 -7.71 11.70
CA LEU C 351 7.26 -8.60 12.39
C LEU C 351 7.78 -7.98 13.66
N GLN C 352 7.16 -6.90 14.13
CA GLN C 352 7.59 -6.23 15.33
C GLN C 352 6.46 -5.57 16.09
N VAL C 353 6.36 -5.90 17.38
CA VAL C 353 5.47 -5.24 18.30
C VAL C 353 6.28 -4.79 19.50
N GLN C 354 5.88 -3.66 20.09
CA GLN C 354 6.57 -3.07 21.24
C GLN C 354 5.58 -2.43 22.20
N PHE C 355 5.88 -2.51 23.49
CA PHE C 355 5.11 -1.78 24.52
C PHE C 355 5.55 -0.34 24.64
N HIS C 356 4.61 0.54 25.00
CA HIS C 356 4.98 1.86 25.47
C HIS C 356 5.79 1.69 26.74
N PRO C 357 6.97 2.31 26.82
CA PRO C 357 7.73 2.25 28.08
C PRO C 357 6.99 2.87 29.27
N VAL C 358 7.10 2.23 30.44
CA VAL C 358 6.45 2.76 31.64
C VAL C 358 7.38 3.03 32.81
N GLY C 359 8.59 2.53 32.81
CA GLY C 359 9.44 2.81 34.01
C GLY C 359 9.76 4.27 34.32
N GLY C 360 9.81 5.11 33.27
CA GLY C 360 10.59 6.32 33.30
C GLY C 360 11.94 5.97 32.73
N THR C 361 12.74 6.96 32.38
CA THR C 361 14.06 6.70 31.81
C THR C 361 15.03 6.13 32.88
N ARG D 1 28.23 -16.37 -15.37
CA ARG D 1 27.54 -17.05 -16.49
C ARG D 1 26.37 -16.23 -16.98
N GLU D 2 25.62 -15.65 -16.02
CA GLU D 2 24.47 -14.83 -16.35
C GLU D 2 24.62 -13.42 -15.80
N VAL D 3 23.94 -12.46 -16.42
CA VAL D 3 23.91 -11.09 -15.94
C VAL D 3 22.47 -10.59 -16.02
N LEU D 4 22.00 -9.99 -14.93
CA LEU D 4 20.68 -9.36 -14.88
C LEU D 4 20.69 -8.03 -15.62
N THR D 5 19.79 -7.89 -16.60
CA THR D 5 19.72 -6.68 -17.41
C THR D 5 18.36 -6.05 -17.36
N GLY D 6 18.37 -4.73 -17.50
CA GLY D 6 17.17 -3.94 -17.71
C GLY D 6 17.07 -3.47 -19.14
N GLY D 7 16.21 -2.49 -19.37
CA GLY D 7 16.10 -1.88 -20.69
C GLY D 7 15.17 -2.61 -21.62
N HIS D 8 14.43 -3.58 -21.09
CA HIS D 8 13.61 -4.47 -21.91
C HIS D 8 12.22 -3.92 -22.20
N SER D 9 11.66 -4.35 -23.32
CA SER D 9 10.29 -3.98 -23.70
C SER D 9 9.27 -5.00 -23.22
N VAL D 10 8.00 -4.57 -23.20
CA VAL D 10 6.91 -5.43 -22.86
C VAL D 10 6.90 -6.61 -23.84
N SER D 11 6.69 -7.80 -23.28
CA SER D 11 6.88 -9.06 -24.02
C SER D 11 5.79 -9.41 -25.04
N ALA D 12 4.61 -8.83 -24.89
CA ALA D 12 3.48 -9.17 -25.74
C ALA D 12 3.19 -7.98 -26.63
N PRO D 13 2.67 -8.23 -27.83
CA PRO D 13 2.35 -7.14 -28.74
C PRO D 13 1.33 -6.15 -28.14
N GLN D 14 1.40 -4.91 -28.59
CA GLN D 14 0.47 -3.86 -28.11
C GLN D 14 -0.97 -4.28 -28.21
N GLU D 15 -1.34 -4.94 -29.31
CA GLU D 15 -2.73 -5.38 -29.53
C GLU D 15 -3.25 -6.38 -28.48
N ASN D 16 -2.38 -6.98 -27.67
CA ASN D 16 -2.79 -7.87 -26.60
C ASN D 16 -2.95 -7.20 -25.23
N ARG D 17 -2.62 -5.92 -25.14
CA ARG D 17 -2.45 -5.27 -23.82
C ARG D 17 -3.69 -4.57 -23.32
N ILE D 18 -3.92 -4.73 -22.02
CA ILE D 18 -4.93 -3.96 -21.29
C ILE D 18 -4.28 -3.35 -20.05
N TYR D 19 -4.93 -2.30 -19.54
CA TYR D 19 -4.42 -1.49 -18.43
C TYR D 19 -5.45 -1.47 -17.32
N VAL D 20 -5.10 -2.03 -16.18
CA VAL D 20 -5.97 -2.12 -15.02
C VAL D 20 -5.47 -1.09 -14.03
N MET D 21 -6.29 -0.05 -13.78
CA MET D 21 -5.86 1.04 -12.91
C MET D 21 -6.18 0.62 -11.49
N ASP D 22 -5.17 0.25 -10.73
CA ASP D 22 -5.36 -0.25 -9.38
C ASP D 22 -5.22 0.94 -8.42
N SER D 23 -6.34 1.38 -7.88
CA SER D 23 -6.29 2.48 -6.93
C SER D 23 -5.58 2.07 -5.66
N VAL D 24 -5.58 0.77 -5.32
CA VAL D 24 -5.04 0.30 -4.02
C VAL D 24 -5.57 1.22 -2.92
N PHE D 25 -6.89 1.39 -2.86
CA PHE D 25 -7.51 2.31 -1.90
C PHE D 25 -7.06 2.09 -0.44
N MET D 26 -6.80 0.85 -0.04
CA MET D 26 -6.32 0.60 1.32
C MET D 26 -4.95 1.19 1.58
N HIS D 27 -4.21 1.42 0.50
CA HIS D 27 -2.89 2.07 0.54
C HIS D 27 -2.75 2.99 -0.67
N LEU D 28 -3.63 4.00 -0.67
CA LEU D 28 -3.85 4.82 -1.85
C LEU D 28 -2.66 5.64 -2.34
N THR D 29 -1.65 5.82 -1.50
CA THR D 29 -0.43 6.47 -1.95
C THR D 29 0.43 5.58 -2.84
N GLU D 30 0.03 4.31 -3.04
CA GLU D 30 0.80 3.39 -3.88
C GLU D 30 -0.07 2.80 -4.97
N SER D 31 -0.93 3.62 -5.52
CA SER D 31 -1.73 3.24 -6.68
C SER D 31 -0.80 2.92 -7.84
N ARG D 32 -1.30 2.14 -8.79
CA ARG D 32 -0.48 1.79 -9.95
C ARG D 32 -1.31 1.25 -11.07
N VAL D 33 -0.74 1.25 -12.26
CA VAL D 33 -1.39 0.65 -13.41
C VAL D 33 -0.76 -0.71 -13.62
N HIS D 34 -1.58 -1.78 -13.71
CA HIS D 34 -1.10 -3.11 -14.01
C HIS D 34 -1.38 -3.39 -15.49
N VAL D 35 -0.36 -3.84 -16.23
CA VAL D 35 -0.50 -4.11 -17.66
C VAL D 35 -0.63 -5.63 -17.81
N TYR D 36 -1.68 -6.06 -18.48
CA TYR D 36 -1.96 -7.50 -18.66
C TYR D 36 -2.14 -7.80 -20.14
N ASP D 37 -1.89 -9.05 -20.49
CA ASP D 37 -2.22 -9.59 -21.80
C ASP D 37 -3.61 -10.22 -21.67
N TYR D 38 -4.60 -9.69 -22.39
CA TYR D 38 -5.98 -10.12 -22.22
C TYR D 38 -6.20 -11.51 -22.87
N THR D 39 -5.27 -11.91 -23.73
CA THR D 39 -5.43 -13.21 -24.43
C THR D 39 -5.11 -14.40 -23.56
N ASN D 40 -4.22 -14.23 -22.58
CA ASN D 40 -3.77 -15.33 -21.74
C ASN D 40 -3.67 -15.01 -20.25
N GLY D 41 -4.00 -13.77 -19.86
CA GLY D 41 -3.97 -13.36 -18.45
C GLY D 41 -2.58 -13.09 -17.87
N LYS D 42 -1.58 -13.01 -18.72
CA LYS D 42 -0.23 -12.84 -18.26
C LYS D 42 0.02 -11.40 -17.80
N PHE D 43 0.61 -11.25 -16.63
CA PHE D 43 1.06 -9.93 -16.14
C PHE D 43 2.32 -9.50 -16.92
N LEU D 44 2.23 -8.33 -17.55
CA LEU D 44 3.28 -7.78 -18.39
C LEU D 44 4.17 -6.68 -17.80
N GLY D 45 3.66 -6.00 -16.77
CA GLY D 45 4.41 -4.92 -16.15
C GLY D 45 3.47 -3.96 -15.48
N MET D 46 4.03 -2.84 -15.03
CA MET D 46 3.26 -1.86 -14.29
CA MET D 46 3.26 -1.86 -14.29
C MET D 46 3.90 -0.50 -14.31
N VAL D 47 3.09 0.52 -14.02
CA VAL D 47 3.54 1.89 -13.90
C VAL D 47 3.08 2.40 -12.53
N PRO D 48 4.01 2.85 -11.68
CA PRO D 48 3.64 3.39 -10.39
C PRO D 48 3.00 4.76 -10.54
N THR D 49 1.94 5.01 -9.78
CA THR D 49 1.19 6.28 -9.91
C THR D 49 0.84 6.96 -8.58
N ALA D 50 1.64 6.72 -7.55
CA ALA D 50 1.62 7.52 -6.31
C ALA D 50 0.21 7.60 -5.75
N PHE D 51 -0.21 8.77 -5.29
CA PHE D 51 -1.52 8.90 -4.66
C PHE D 51 -2.63 9.05 -5.68
N ASN D 52 -3.51 8.06 -5.71
CA ASN D 52 -4.73 8.14 -6.50
C ASN D 52 -4.44 8.50 -7.94
N GLY D 53 -3.60 7.70 -8.60
CA GLY D 53 -3.31 7.97 -9.97
C GLY D 53 -4.48 7.74 -10.90
N HIS D 54 -4.43 8.43 -12.03
CA HIS D 54 -5.30 8.22 -13.18
C HIS D 54 -4.44 7.91 -14.39
N VAL D 55 -5.00 7.21 -15.38
CA VAL D 55 -4.23 6.76 -16.53
C VAL D 55 -5.05 6.77 -17.83
N GLN D 56 -4.35 7.01 -18.93
CA GLN D 56 -4.88 6.74 -20.25
C GLN D 56 -3.72 6.38 -21.16
N VAL D 57 -4.04 5.81 -22.31
CA VAL D 57 -3.03 5.54 -23.31
C VAL D 57 -3.19 6.55 -24.43
N SER D 58 -2.08 7.04 -24.98
CA SER D 58 -2.14 7.96 -26.09
C SER D 58 -2.90 7.32 -27.24
N ASN D 59 -3.67 8.11 -27.97
CA ASN D 59 -4.47 7.59 -29.07
C ASN D 59 -3.63 6.87 -30.13
N ASP D 60 -2.39 7.31 -30.30
CA ASP D 60 -1.48 6.65 -31.27
C ASP D 60 -0.80 5.41 -30.69
N GLY D 61 -1.09 5.10 -29.42
CA GLY D 61 -0.56 3.88 -28.79
C GLY D 61 0.90 3.88 -28.38
N LYS D 62 1.60 5.02 -28.51
CA LYS D 62 3.03 5.07 -28.23
C LYS D 62 3.38 5.36 -26.76
N LYS D 63 2.47 6.03 -26.05
CA LYS D 63 2.77 6.55 -24.73
C LYS D 63 1.62 6.21 -23.78
N ILE D 64 1.97 6.14 -22.49
CA ILE D 64 1.03 6.08 -21.39
C ILE D 64 1.10 7.43 -20.69
N TYR D 65 -0.08 7.99 -20.42
CA TYR D 65 -0.16 9.21 -19.64
C TYR D 65 -0.74 8.89 -18.29
N THR D 66 -0.13 9.41 -17.24
CA THR D 66 -0.68 9.29 -15.91
C THR D 66 -0.89 10.68 -15.36
N MET D 67 -1.76 10.74 -14.38
CA MET D 67 -1.95 11.96 -13.61
C MET D 67 -1.90 11.57 -12.14
N THR D 68 -1.14 12.32 -11.34
CA THR D 68 -1.05 11.99 -9.95
C THR D 68 -0.61 13.17 -9.10
N THR D 69 -0.49 12.92 -7.80
CA THR D 69 -0.05 13.92 -6.82
C THR D 69 1.08 13.38 -5.99
N TYR D 70 2.12 14.22 -5.83
CA TYR D 70 3.20 13.95 -4.92
C TYR D 70 3.27 15.00 -3.84
N HIS D 71 3.86 14.67 -2.71
CA HIS D 71 4.28 15.69 -1.72
C HIS D 71 5.69 15.39 -1.26
N GLU D 72 6.44 16.43 -0.89
CA GLU D 72 7.83 16.23 -0.51
C GLU D 72 8.02 15.15 0.55
N ARG D 73 7.06 15.02 1.47
CA ARG D 73 7.13 14.04 2.56
C ARG D 73 5.83 13.23 2.66
N ILE D 74 5.15 13.13 1.53
CA ILE D 74 3.91 12.34 1.33
C ILE D 74 2.70 12.95 2.02
N THR D 75 2.74 12.91 3.35
CA THR D 75 1.66 13.43 4.22
C THR D 75 1.96 14.84 4.75
N ARG D 76 3.09 15.37 4.36
CA ARG D 76 3.43 16.77 4.61
C ARG D 76 4.38 17.27 3.51
N GLY D 77 4.63 18.58 3.49
CA GLY D 77 5.52 19.17 2.51
C GLY D 77 4.78 19.64 1.28
N LYS D 78 5.54 20.24 0.37
CA LYS D 78 4.99 20.84 -0.81
C LYS D 78 4.35 19.84 -1.77
N ARG D 79 3.21 20.24 -2.31
CA ARG D 79 2.46 19.43 -3.27
C ARG D 79 2.92 19.66 -4.72
N SER D 80 3.00 18.57 -5.48
CA SER D 80 3.18 18.62 -6.93
C SER D 80 2.15 17.73 -7.61
N ASP D 81 1.22 18.36 -8.33
CA ASP D 81 0.29 17.65 -9.22
C ASP D 81 0.94 17.62 -10.62
N VAL D 82 0.89 16.44 -11.26
CA VAL D 82 1.56 16.26 -12.52
C VAL D 82 0.75 15.38 -13.48
N VAL D 83 1.02 15.60 -14.77
CA VAL D 83 0.83 14.57 -15.75
C VAL D 83 2.22 14.01 -16.06
N GLU D 84 2.34 12.69 -16.18
CA GLU D 84 3.59 12.07 -16.63
C GLU D 84 3.34 11.33 -17.92
N VAL D 85 4.36 11.39 -18.78
CA VAL D 85 4.40 10.67 -20.05
C VAL D 85 5.41 9.55 -19.89
N TRP D 86 4.94 8.33 -20.16
CA TRP D 86 5.69 7.10 -20.04
C TRP D 86 5.73 6.46 -21.40
N ASP D 87 6.85 5.85 -21.72
CA ASP D 87 6.89 5.04 -22.94
C ASP D 87 6.08 3.78 -22.80
N ALA D 88 5.17 3.52 -23.74
CA ALA D 88 4.30 2.37 -23.64
C ALA D 88 5.02 1.02 -23.72
N ASP D 89 6.08 0.95 -24.51
CA ASP D 89 6.72 -0.35 -24.68
C ASP D 89 7.79 -0.63 -23.65
N LYS D 90 8.52 0.40 -23.21
CA LYS D 90 9.54 0.22 -22.18
C LYS D 90 9.02 0.43 -20.75
N LEU D 91 7.82 0.99 -20.62
CA LEU D 91 7.21 1.33 -19.31
C LEU D 91 8.17 2.12 -18.47
N THR D 92 8.80 3.12 -19.10
CA THR D 92 9.71 4.05 -18.49
C THR D 92 9.18 5.47 -18.49
N PHE D 93 9.54 6.19 -17.44
CA PHE D 93 9.19 7.60 -17.31
C PHE D 93 9.99 8.45 -18.31
N GLU D 94 9.30 9.34 -19.01
CA GLU D 94 9.94 10.25 -19.95
C GLU D 94 9.87 11.73 -19.56
N LYS D 95 8.71 12.19 -19.14
CA LYS D 95 8.44 13.61 -18.98
C LYS D 95 7.40 13.87 -17.90
N GLU D 96 7.63 14.89 -17.08
CA GLU D 96 6.68 15.42 -16.13
C GLU D 96 6.18 16.76 -16.64
N ILE D 97 4.86 16.90 -16.61
CA ILE D 97 4.18 18.13 -16.95
C ILE D 97 3.50 18.66 -15.69
N SER D 98 3.90 19.85 -15.27
CA SER D 98 3.39 20.47 -14.05
C SER D 98 1.96 20.95 -14.20
N LEU D 99 1.12 20.58 -13.25
CA LEU D 99 -0.25 21.07 -13.18
C LEU D 99 -0.40 22.01 -11.98
N PRO D 100 -1.39 22.89 -12.01
CA PRO D 100 -1.72 23.64 -10.81
C PRO D 100 -2.22 22.60 -9.80
N PRO D 101 -2.06 22.85 -8.51
CA PRO D 101 -2.39 21.87 -7.46
C PRO D 101 -3.89 21.74 -7.18
N LYS D 102 -4.60 21.27 -8.19
CA LYS D 102 -6.05 21.16 -8.10
C LYS D 102 -6.63 20.03 -8.93
N ARG D 103 -5.79 19.13 -9.44
CA ARG D 103 -6.36 18.04 -10.21
C ARG D 103 -7.31 17.20 -9.35
N VAL D 104 -8.37 16.66 -9.94
CA VAL D 104 -9.34 15.90 -9.17
C VAL D 104 -8.70 14.68 -8.51
N GLN D 105 -8.93 14.53 -7.22
CA GLN D 105 -8.61 13.31 -6.51
C GLN D 105 -9.95 12.61 -6.29
N GLY D 106 -10.10 11.48 -6.95
CA GLY D 106 -11.36 10.76 -6.94
C GLY D 106 -11.23 9.43 -7.67
N LEU D 107 -12.30 8.66 -7.58
CA LEU D 107 -12.31 7.34 -8.21
C LEU D 107 -12.16 7.46 -9.72
N ASN D 108 -11.70 6.38 -10.33
CA ASN D 108 -11.24 6.42 -11.71
C ASN D 108 -12.34 6.27 -12.76
N TYR D 109 -13.24 7.21 -12.77
CA TYR D 109 -14.13 7.37 -13.94
C TYR D 109 -13.33 7.80 -15.16
N ASP D 110 -13.63 7.22 -16.32
CA ASP D 110 -12.92 7.56 -17.55
C ASP D 110 -12.89 9.06 -17.80
N GLY D 111 -14.03 9.72 -17.53
CA GLY D 111 -14.20 11.12 -17.87
C GLY D 111 -13.42 12.14 -17.09
N LEU D 112 -12.65 11.70 -16.11
CA LEU D 112 -11.85 12.67 -15.34
C LEU D 112 -10.49 12.94 -15.97
N PHE D 113 -10.07 12.13 -16.96
CA PHE D 113 -8.74 12.22 -17.52
C PHE D 113 -8.84 11.64 -18.92
N ARG D 114 -8.92 12.53 -19.92
CA ARG D 114 -9.19 12.15 -21.32
C ARG D 114 -8.22 12.87 -22.26
N GLN D 115 -8.45 12.72 -23.55
CA GLN D 115 -7.67 13.44 -24.54
C GLN D 115 -8.56 13.81 -25.70
N THR D 116 -8.14 14.80 -26.45
CA THR D 116 -8.86 15.16 -27.66
C THR D 116 -8.68 14.10 -28.71
N THR D 117 -9.60 14.06 -29.66
CA THR D 117 -9.60 13.03 -30.68
C THR D 117 -8.29 13.02 -31.44
N ASP D 118 -7.74 14.19 -31.71
CA ASP D 118 -6.48 14.31 -32.47
C ASP D 118 -5.25 13.95 -31.65
N GLY D 119 -5.45 13.69 -30.36
CA GLY D 119 -4.39 13.30 -29.49
C GLY D 119 -3.43 14.39 -29.07
N LYS D 120 -3.64 15.64 -29.46
CA LYS D 120 -2.70 16.69 -29.17
C LYS D 120 -2.86 17.30 -27.77
N PHE D 121 -4.04 17.12 -27.16
CA PHE D 121 -4.32 17.72 -25.86
C PHE D 121 -4.85 16.68 -24.91
N ILE D 122 -4.33 16.71 -23.68
CA ILE D 122 -4.91 15.99 -22.56
C ILE D 122 -5.89 16.93 -21.86
N VAL D 123 -7.04 16.38 -21.48
CA VAL D 123 -8.15 17.18 -20.96
C VAL D 123 -8.56 16.53 -19.66
N LEU D 124 -8.49 17.28 -18.56
CA LEU D 124 -8.62 16.67 -17.23
C LEU D 124 -9.53 17.51 -16.34
N GLN D 125 -10.16 16.85 -15.38
CA GLN D 125 -11.05 17.51 -14.43
C GLN D 125 -10.25 18.05 -13.23
N ASN D 126 -10.46 19.31 -12.90
CA ASN D 126 -9.93 19.91 -11.67
C ASN D 126 -11.05 20.01 -10.62
N ALA D 127 -10.65 19.84 -9.35
CA ALA D 127 -11.57 20.01 -8.24
C ALA D 127 -10.76 20.29 -6.99
N SER D 128 -10.88 21.50 -6.46
CA SER D 128 -10.01 21.89 -5.35
C SER D 128 -10.61 22.45 -4.04
N PRO D 129 -11.89 22.79 -3.93
CA PRO D 129 -13.06 22.28 -4.64
C PRO D 129 -13.50 23.15 -5.85
N ALA D 130 -12.75 24.19 -6.19
CA ALA D 130 -13.03 24.92 -7.39
C ALA D 130 -12.96 23.96 -8.56
N THR D 131 -13.94 24.01 -9.45
CA THR D 131 -14.00 23.15 -10.62
C THR D 131 -13.74 23.91 -11.90
N SER D 132 -12.98 23.25 -12.76
CA SER D 132 -12.71 23.70 -14.13
C SER D 132 -12.12 22.49 -14.83
N ILE D 133 -11.93 22.64 -16.14
CA ILE D 133 -11.26 21.62 -16.94
C ILE D 133 -9.91 22.15 -17.32
N GLY D 134 -8.88 21.34 -17.12
CA GLY D 134 -7.55 21.73 -17.51
C GLY D 134 -7.12 21.11 -18.82
N ILE D 135 -6.30 21.84 -19.57
CA ILE D 135 -5.85 21.40 -20.89
C ILE D 135 -4.33 21.36 -20.86
N VAL D 136 -3.79 20.24 -21.29
CA VAL D 136 -2.36 20.02 -21.39
C VAL D 136 -2.01 19.82 -22.86
N ASP D 137 -1.04 20.60 -23.32
CA ASP D 137 -0.47 20.46 -24.66
C ASP D 137 0.65 19.42 -24.60
N VAL D 138 0.43 18.29 -25.27
CA VAL D 138 1.29 17.13 -25.15
C VAL D 138 2.63 17.49 -25.81
N ALA D 139 2.57 18.04 -27.01
CA ALA D 139 3.80 18.44 -27.74
C ALA D 139 4.71 19.36 -26.90
N LYS D 140 4.11 20.37 -26.30
CA LYS D 140 4.84 21.37 -25.57
C LYS D 140 5.17 20.94 -24.16
N GLY D 141 4.45 19.95 -23.65
CA GLY D 141 4.65 19.51 -22.28
C GLY D 141 4.25 20.55 -21.27
N ASP D 142 3.14 21.26 -21.54
CA ASP D 142 2.72 22.39 -20.75
C ASP D 142 1.23 22.38 -20.45
N TYR D 143 0.86 22.82 -19.25
CA TYR D 143 -0.54 23.14 -18.96
C TYR D 143 -0.86 24.48 -19.61
N VAL D 144 -1.83 24.53 -20.50
CA VAL D 144 -2.05 25.72 -21.35
C VAL D 144 -3.39 26.44 -21.21
N GLU D 145 -4.36 25.82 -20.55
CA GLU D 145 -5.68 26.38 -20.45
C GLU D 145 -6.42 25.83 -19.25
N ASP D 146 -7.25 26.68 -18.68
CA ASP D 146 -8.07 26.31 -17.56
C ASP D 146 -9.45 26.84 -17.93
N VAL D 147 -10.40 25.94 -18.15
CA VAL D 147 -11.69 26.30 -18.73
C VAL D 147 -12.69 26.70 -17.64
N THR D 148 -12.77 28.00 -17.38
CA THR D 148 -13.70 28.55 -16.37
C THR D 148 -15.16 28.29 -16.67
N ALA D 149 -15.51 28.25 -17.96
CA ALA D 149 -16.88 28.01 -18.37
C ALA D 149 -17.40 26.69 -17.82
N ALA D 150 -16.50 25.78 -17.48
CA ALA D 150 -16.89 24.47 -16.96
C ALA D 150 -17.14 24.44 -15.46
N ALA D 151 -16.96 25.55 -14.74
CA ALA D 151 -17.33 25.56 -13.31
C ALA D 151 -18.78 25.14 -13.19
N GLY D 152 -19.04 24.23 -12.25
CA GLY D 152 -20.39 23.75 -12.03
C GLY D 152 -20.77 22.59 -12.94
N CYS D 153 -19.81 22.15 -13.76
CA CYS D 153 -19.97 20.95 -14.59
C CYS D 153 -19.02 19.87 -14.11
N TRP D 154 -19.09 18.68 -14.74
CA TRP D 154 -18.29 17.55 -14.31
C TRP D 154 -18.03 16.55 -15.45
N SER D 155 -16.76 16.22 -15.60
CA SER D 155 -16.27 15.17 -16.51
C SER D 155 -16.16 15.61 -17.95
N VAL D 156 -15.36 14.87 -18.70
CA VAL D 156 -15.00 15.22 -20.06
C VAL D 156 -15.43 14.09 -21.00
N ILE D 157 -16.23 14.45 -22.00
CA ILE D 157 -16.64 13.49 -23.04
C ILE D 157 -16.10 13.99 -24.36
N PRO D 158 -15.01 13.42 -24.89
CA PRO D 158 -14.50 13.91 -26.18
C PRO D 158 -15.52 13.64 -27.28
N GLN D 159 -15.53 14.46 -28.33
CA GLN D 159 -16.39 14.23 -29.49
C GLN D 159 -15.52 13.52 -30.53
N PRO D 160 -15.76 12.25 -30.82
CA PRO D 160 -14.92 11.53 -31.78
C PRO D 160 -14.97 12.02 -33.21
N ASN D 161 -15.96 12.83 -33.54
CA ASN D 161 -16.06 13.37 -34.88
C ASN D 161 -15.35 14.71 -35.12
N ARG D 162 -14.66 15.24 -34.11
CA ARG D 162 -13.95 16.50 -34.20
C ARG D 162 -12.59 16.39 -33.53
N PRO D 163 -11.59 17.10 -34.05
CA PRO D 163 -10.22 16.92 -33.56
C PRO D 163 -9.94 17.40 -32.12
N ARG D 164 -10.58 18.48 -31.71
CA ARG D 164 -10.27 19.05 -30.41
C ARG D 164 -11.50 19.68 -29.74
N SER D 165 -12.56 18.89 -29.67
CA SER D 165 -13.82 19.30 -29.01
C SER D 165 -14.22 18.27 -27.99
N PHE D 166 -14.84 18.71 -26.91
CA PHE D 166 -15.33 17.79 -25.91
C PHE D 166 -16.53 18.42 -25.21
N MET D 167 -17.26 17.61 -24.47
CA MET D 167 -18.43 18.08 -23.72
C MET D 167 -18.24 17.77 -22.25
N THR D 168 -18.99 18.48 -21.40
CA THR D 168 -19.05 18.18 -19.99
C THR D 168 -20.49 18.29 -19.54
N ILE D 169 -20.82 17.63 -18.45
CA ILE D 169 -22.19 17.57 -17.96
C ILE D 169 -22.36 18.64 -16.89
N CYS D 170 -23.36 19.50 -17.06
CA CYS D 170 -23.51 20.62 -16.17
C CYS D 170 -24.58 20.39 -15.11
N GLY D 171 -24.47 21.12 -14.02
CA GLY D 171 -25.34 20.96 -12.90
C GLY D 171 -26.75 21.42 -13.11
N ASP D 172 -27.01 22.05 -14.25
CA ASP D 172 -28.38 22.41 -14.67
C ASP D 172 -29.03 21.38 -15.58
N GLY D 173 -28.35 20.28 -15.84
CA GLY D 173 -28.95 19.20 -16.63
C GLY D 173 -28.67 19.29 -18.11
N GLY D 174 -27.91 20.29 -18.51
CA GLY D 174 -27.49 20.43 -19.90
C GLY D 174 -26.04 20.02 -20.09
N LEU D 175 -25.56 20.17 -21.32
CA LEU D 175 -24.18 19.88 -21.66
C LEU D 175 -23.51 21.13 -22.19
N LEU D 176 -22.25 21.30 -21.80
CA LEU D 176 -21.40 22.36 -22.32
C LEU D 176 -20.40 21.74 -23.29
N THR D 177 -20.33 22.30 -24.49
CA THR D 177 -19.34 21.90 -25.48
C THR D 177 -18.27 22.96 -25.52
N ILE D 178 -17.01 22.49 -25.50
CA ILE D 178 -15.83 23.29 -25.64
C ILE D 178 -15.07 22.87 -26.89
N ASN D 179 -14.73 23.85 -27.72
CA ASN D 179 -13.93 23.64 -28.92
C ASN D 179 -12.63 24.37 -28.76
N LEU D 180 -11.51 23.66 -28.81
CA LEU D 180 -10.21 24.25 -28.56
C LEU D 180 -9.60 24.71 -29.86
N GLY D 181 -8.84 25.79 -29.80
CA GLY D 181 -7.97 26.17 -30.91
C GLY D 181 -6.71 25.31 -30.98
N GLU D 182 -5.88 25.54 -31.99
CA GLU D 182 -4.65 24.77 -32.18
C GLU D 182 -3.62 24.95 -31.08
N ASP D 183 -3.77 26.03 -30.29
CA ASP D 183 -2.94 26.27 -29.11
C ASP D 183 -3.50 25.66 -27.81
N GLY D 184 -4.64 25.00 -27.91
CA GLY D 184 -5.29 24.38 -26.74
C GLY D 184 -6.13 25.34 -25.93
N LYS D 185 -6.28 26.58 -26.39
CA LYS D 185 -7.15 27.51 -25.66
C LYS D 185 -8.58 27.40 -26.18
N VAL D 186 -9.53 27.89 -25.39
CA VAL D 186 -10.92 27.80 -25.79
C VAL D 186 -11.16 28.74 -26.94
N ALA D 187 -11.57 28.18 -28.06
CA ALA D 187 -11.92 28.97 -29.24
C ALA D 187 -13.40 29.33 -29.33
N SER D 188 -14.27 28.39 -28.94
CA SER D 188 -15.70 28.63 -28.86
C SER D 188 -16.34 27.64 -27.91
N GLN D 189 -17.58 27.91 -27.57
CA GLN D 189 -18.31 27.08 -26.63
C GLN D 189 -19.78 27.16 -26.93
N SER D 190 -20.51 26.18 -26.45
CA SER D 190 -21.97 26.20 -26.58
C SER D 190 -22.64 25.38 -25.50
N ARG D 191 -23.83 25.82 -25.11
CA ARG D 191 -24.63 25.08 -24.14
C ARG D 191 -25.85 24.49 -24.80
N SER D 192 -26.11 23.22 -24.51
CA SER D 192 -27.26 22.54 -25.05
C SER D 192 -28.50 22.96 -24.27
N LYS D 193 -29.66 22.61 -24.80
CA LYS D 193 -30.86 22.64 -24.00
C LYS D 193 -30.73 21.62 -22.88
N GLN D 194 -31.58 21.74 -21.88
CA GLN D 194 -31.57 20.81 -20.77
C GLN D 194 -31.90 19.43 -21.29
N MET D 195 -31.05 18.45 -20.95
CA MET D 195 -31.23 17.06 -21.36
C MET D 195 -31.99 16.24 -20.32
N PHE D 196 -31.66 16.40 -19.05
CA PHE D 196 -32.28 15.62 -17.99
C PHE D 196 -32.59 16.48 -16.80
N SER D 197 -33.56 16.01 -16.01
CA SER D 197 -33.88 16.63 -14.73
C SER D 197 -32.89 16.16 -13.69
N VAL D 198 -32.10 17.08 -13.17
CA VAL D 198 -31.10 16.72 -12.17
C VAL D 198 -31.75 16.11 -10.94
N LYS D 199 -32.87 16.71 -10.48
CA LYS D 199 -33.52 16.21 -9.25
C LYS D 199 -34.28 14.91 -9.51
N ASP D 200 -35.01 14.86 -10.61
CA ASP D 200 -35.97 13.79 -10.87
C ASP D 200 -35.39 12.57 -11.58
N ASP D 201 -34.32 12.73 -12.36
CA ASP D 201 -33.79 11.59 -13.14
C ASP D 201 -32.30 11.76 -13.43
N PRO D 202 -31.49 11.80 -12.36
CA PRO D 202 -30.07 12.04 -12.55
C PRO D 202 -29.43 10.92 -13.36
N ILE D 203 -28.53 11.33 -14.25
CA ILE D 203 -27.77 10.41 -15.09
C ILE D 203 -26.43 10.05 -14.44
N PHE D 204 -26.01 8.83 -14.73
CA PHE D 204 -24.64 8.42 -14.50
C PHE D 204 -23.78 9.16 -15.52
N ILE D 205 -22.59 9.57 -15.10
CA ILE D 205 -21.73 10.34 -15.99
C ILE D 205 -21.09 9.56 -17.11
N ALA D 206 -21.00 8.25 -16.97
CA ALA D 206 -20.30 7.44 -17.98
C ALA D 206 -21.06 7.43 -19.33
N PRO D 207 -20.45 7.92 -20.40
CA PRO D 207 -21.14 7.88 -21.69
C PRO D 207 -21.05 6.52 -22.36
N ALA D 208 -22.11 6.17 -23.08
CA ALA D 208 -22.05 5.13 -24.14
C ALA D 208 -21.82 5.94 -25.40
N LEU D 209 -20.57 5.98 -25.81
CA LEU D 209 -20.11 6.97 -26.76
C LEU D 209 -19.99 6.40 -28.16
N ASP D 210 -20.72 7.02 -29.08
CA ASP D 210 -20.63 6.73 -30.51
C ASP D 210 -19.77 7.81 -31.18
N LYS D 211 -19.54 7.69 -32.48
CA LYS D 211 -18.74 8.68 -33.21
C LYS D 211 -19.30 10.09 -33.19
N ASP D 212 -20.62 10.20 -33.25
CA ASP D 212 -21.28 11.51 -33.33
C ASP D 212 -22.43 11.69 -32.34
N LYS D 213 -22.55 10.81 -31.36
CA LYS D 213 -23.58 10.93 -30.36
C LYS D 213 -23.16 10.15 -29.13
N ALA D 214 -23.78 10.44 -27.99
CA ALA D 214 -23.51 9.78 -26.74
C ALA D 214 -24.80 9.49 -26.05
N HIS D 215 -24.86 8.35 -25.37
CA HIS D 215 -26.02 7.98 -24.59
C HIS D 215 -25.62 7.90 -23.14
N PHE D 216 -26.60 8.18 -22.28
CA PHE D 216 -26.41 8.13 -20.83
C PHE D 216 -27.55 7.40 -20.21
N VAL D 217 -27.28 6.63 -19.16
CA VAL D 217 -28.34 5.97 -18.42
C VAL D 217 -28.58 6.69 -17.10
N SER D 218 -29.81 6.61 -16.61
CA SER D 218 -30.19 7.30 -15.37
C SER D 218 -30.34 6.36 -14.18
N TYR D 219 -30.41 6.94 -12.98
CA TYR D 219 -30.55 6.17 -11.76
C TYR D 219 -31.79 5.29 -11.77
N TYR D 220 -32.79 5.69 -12.58
CA TYR D 220 -34.06 4.97 -12.61
C TYR D 220 -34.25 4.15 -13.89
N GLY D 221 -33.17 4.02 -14.66
CA GLY D 221 -33.17 3.16 -15.84
C GLY D 221 -33.68 3.79 -17.10
N ASN D 222 -33.64 5.11 -17.20
CA ASN D 222 -33.93 5.80 -18.44
C ASN D 222 -32.67 6.09 -19.23
N VAL D 223 -32.86 6.39 -20.51
CA VAL D 223 -31.76 6.68 -21.43
C VAL D 223 -31.95 8.04 -22.05
N TYR D 224 -30.89 8.85 -22.00
CA TYR D 224 -30.82 10.16 -22.61
C TYR D 224 -29.73 10.16 -23.66
N SER D 225 -29.83 11.08 -24.61
CA SER D 225 -28.87 11.12 -25.71
C SER D 225 -28.52 12.53 -26.11
N ALA D 226 -27.29 12.67 -26.56
CA ALA D 226 -26.77 13.92 -27.06
C ALA D 226 -26.16 13.67 -28.42
N ASP D 227 -26.75 14.26 -29.46
CA ASP D 227 -26.28 14.09 -30.82
C ASP D 227 -25.48 15.33 -31.18
N PHE D 228 -24.19 15.12 -31.51
CA PHE D 228 -23.30 16.19 -31.85
C PHE D 228 -22.79 16.05 -33.30
N SER D 229 -23.63 15.47 -34.16
CA SER D 229 -23.32 15.35 -35.57
C SER D 229 -23.45 16.68 -36.30
N GLY D 230 -24.27 17.59 -35.77
CA GLY D 230 -24.48 18.90 -36.39
C GLY D 230 -23.69 20.00 -35.71
N ASP D 231 -24.00 21.25 -36.06
CA ASP D 231 -23.28 22.39 -35.49
C ASP D 231 -23.51 22.57 -33.98
N GLU D 232 -24.69 22.19 -33.50
CA GLU D 232 -24.98 22.31 -32.08
C GLU D 232 -25.50 20.97 -31.54
N VAL D 233 -25.35 20.75 -30.24
CA VAL D 233 -25.74 19.47 -29.65
C VAL D 233 -27.25 19.40 -29.49
N LYS D 234 -27.84 18.31 -29.97
CA LYS D 234 -29.26 18.07 -29.84
C LYS D 234 -29.50 17.00 -28.81
N VAL D 235 -30.35 17.29 -27.83
CA VAL D 235 -30.59 16.34 -26.76
C VAL D 235 -31.99 15.72 -26.82
N ASP D 236 -32.10 14.51 -26.31
CA ASP D 236 -33.39 13.86 -26.24
C ASP D 236 -33.42 12.85 -25.11
N GLY D 237 -34.60 12.33 -24.87
CA GLY D 237 -34.85 11.34 -23.84
C GLY D 237 -35.81 11.87 -22.84
N PRO D 238 -36.39 11.00 -22.03
CA PRO D 238 -35.90 9.64 -21.82
C PRO D 238 -36.63 8.59 -22.62
N TRP D 239 -35.94 7.49 -22.91
CA TRP D 239 -36.62 6.21 -23.13
C TRP D 239 -36.18 5.24 -22.06
N SER D 240 -37.05 4.29 -21.72
CA SER D 240 -36.77 3.39 -20.64
C SER D 240 -36.07 2.12 -21.08
N LEU D 241 -35.09 1.68 -20.28
CA LEU D 241 -34.46 0.38 -20.48
C LEU D 241 -35.38 -0.76 -20.09
N LEU D 242 -36.51 -0.44 -19.45
CA LEU D 242 -37.24 -1.41 -18.65
C LEU D 242 -38.56 -1.76 -19.30
N ASN D 243 -38.86 -3.04 -19.43
CA ASN D 243 -40.21 -3.46 -19.77
C ASN D 243 -41.07 -3.58 -18.50
N ASP D 244 -42.32 -4.00 -18.62
CA ASP D 244 -43.19 -4.07 -17.44
C ASP D 244 -42.72 -5.08 -16.39
N GLU D 245 -42.23 -6.25 -16.84
CA GLU D 245 -41.72 -7.26 -15.93
C GLU D 245 -40.47 -6.70 -15.21
N ASP D 246 -39.62 -6.01 -15.96
CA ASP D 246 -38.43 -5.36 -15.40
C ASP D 246 -38.80 -4.38 -14.28
N LYS D 247 -39.77 -3.52 -14.58
CA LYS D 247 -40.20 -2.50 -13.62
C LYS D 247 -40.77 -3.13 -12.36
N ALA D 248 -41.47 -4.26 -12.51
CA ALA D 248 -42.10 -4.90 -11.38
C ALA D 248 -41.11 -5.44 -10.36
N LYS D 249 -39.88 -5.76 -10.79
CA LYS D 249 -38.86 -6.21 -9.84
C LYS D 249 -37.79 -5.14 -9.59
N ASN D 250 -38.14 -3.90 -9.95
CA ASN D 250 -37.33 -2.69 -9.68
C ASN D 250 -35.91 -2.75 -10.21
N TRP D 251 -35.74 -3.28 -11.42
CA TRP D 251 -34.43 -3.29 -12.02
C TRP D 251 -33.99 -1.87 -12.34
N VAL D 252 -32.71 -1.57 -12.04
CA VAL D 252 -32.10 -0.26 -12.34
C VAL D 252 -30.60 -0.46 -12.61
N PRO D 253 -29.94 0.51 -13.24
CA PRO D 253 -28.48 0.42 -13.41
C PRO D 253 -27.73 0.63 -12.13
N GLY D 254 -26.51 0.11 -12.12
CA GLY D 254 -25.60 0.38 -11.04
C GLY D 254 -24.21 0.06 -11.45
N GLY D 255 -23.27 0.89 -10.96
CA GLY D 255 -21.88 0.67 -11.26
C GLY D 255 -21.16 2.00 -11.33
N TYR D 256 -19.96 1.96 -11.91
CA TYR D 256 -19.08 3.12 -12.03
C TYR D 256 -18.92 3.45 -13.51
N ASN D 257 -17.92 2.86 -14.18
CA ASN D 257 -17.83 2.95 -15.63
C ASN D 257 -18.78 1.88 -16.19
N LEU D 258 -20.06 2.15 -16.08
CA LEU D 258 -21.11 1.10 -16.09
C LEU D 258 -21.76 0.83 -17.45
N VAL D 259 -21.43 1.63 -18.46
CA VAL D 259 -22.00 1.45 -19.79
C VAL D 259 -20.92 1.41 -20.84
N GLY D 260 -21.33 0.94 -22.02
CA GLY D 260 -20.48 0.91 -23.18
C GLY D 260 -21.32 0.86 -24.46
N LEU D 261 -20.73 1.25 -25.56
CA LEU D 261 -21.39 1.19 -26.85
C LEU D 261 -20.52 0.45 -27.84
N HIS D 262 -21.12 -0.54 -28.52
CA HIS D 262 -20.47 -1.19 -29.64
C HIS D 262 -20.97 -0.44 -30.86
N ARG D 263 -20.09 0.33 -31.47
CA ARG D 263 -20.52 1.31 -32.45
C ARG D 263 -21.06 0.68 -33.74
N ALA D 264 -20.46 -0.42 -34.19
CA ALA D 264 -20.96 -1.05 -35.42
C ALA D 264 -22.40 -1.54 -35.33
N SER D 265 -22.76 -2.11 -34.18
CA SER D 265 -24.08 -2.72 -33.97
C SER D 265 -25.08 -1.78 -33.31
N GLY D 266 -24.60 -0.68 -32.74
CA GLY D 266 -25.45 0.16 -31.90
C GLY D 266 -25.92 -0.46 -30.60
N ARG D 267 -25.33 -1.58 -30.20
CA ARG D 267 -25.67 -2.20 -28.94
C ARG D 267 -25.04 -1.45 -27.79
N MET D 268 -25.87 -1.14 -26.79
CA MET D 268 -25.40 -0.55 -25.54
C MET D 268 -25.44 -1.57 -24.42
N TYR D 269 -24.34 -1.67 -23.67
CA TYR D 269 -24.16 -2.58 -22.55
C TYR D 269 -24.30 -1.82 -21.23
N VAL D 270 -25.05 -2.37 -20.29
CA VAL D 270 -25.35 -1.68 -19.04
C VAL D 270 -25.42 -2.69 -17.92
N PHE D 271 -24.75 -2.39 -16.82
CA PHE D 271 -24.83 -3.19 -15.62
C PHE D 271 -26.12 -2.86 -14.87
N MET D 272 -26.86 -3.92 -14.47
CA MET D 272 -28.20 -3.78 -13.91
C MET D 272 -28.33 -4.68 -12.68
N HIS D 273 -29.19 -4.28 -11.75
CA HIS D 273 -29.51 -5.11 -10.58
C HIS D 273 -30.97 -4.91 -10.22
N PRO D 274 -31.59 -5.93 -9.62
CA PRO D 274 -32.97 -5.81 -9.17
C PRO D 274 -33.10 -5.10 -7.84
N ASP D 275 -34.34 -4.80 -7.43
CA ASP D 275 -34.63 -4.27 -6.11
C ASP D 275 -33.96 -2.90 -5.91
N GLY D 276 -33.96 -2.12 -6.97
CA GLY D 276 -33.43 -0.76 -6.97
C GLY D 276 -34.22 0.16 -6.09
N LYS D 277 -33.53 1.04 -5.38
CA LYS D 277 -34.15 2.00 -4.50
C LYS D 277 -33.04 3.02 -4.17
N GLU D 278 -33.35 4.02 -3.37
CA GLU D 278 -32.36 5.05 -3.06
C GLU D 278 -31.14 4.40 -2.41
N GLY D 279 -29.97 4.68 -2.99
CA GLY D 279 -28.72 4.16 -2.46
C GLY D 279 -28.13 2.94 -3.15
N THR D 280 -28.75 2.47 -4.22
CA THR D 280 -28.23 1.24 -4.86
C THR D 280 -27.50 1.48 -6.19
N HIS D 281 -27.21 2.73 -6.50
CA HIS D 281 -26.71 3.08 -7.82
C HIS D 281 -25.28 2.65 -8.10
N LYS D 282 -24.56 2.21 -7.07
CA LYS D 282 -23.21 1.70 -7.27
C LYS D 282 -23.14 0.22 -6.96
N PHE D 283 -24.29 -0.45 -6.84
CA PHE D 283 -24.28 -1.92 -6.63
C PHE D 283 -23.66 -2.67 -7.79
N PRO D 284 -22.95 -3.76 -7.48
CA PRO D 284 -22.43 -4.67 -8.50
C PRO D 284 -23.55 -5.19 -9.41
N ALA D 285 -23.19 -5.48 -10.65
CA ALA D 285 -24.13 -5.99 -11.64
C ALA D 285 -24.63 -7.38 -11.25
N ALA D 286 -25.95 -7.51 -11.17
CA ALA D 286 -26.55 -8.85 -11.14
C ALA D 286 -26.53 -9.41 -12.55
N GLU D 287 -26.76 -8.52 -13.51
CA GLU D 287 -26.77 -8.82 -14.93
C GLU D 287 -26.15 -7.72 -15.76
N ILE D 288 -25.68 -8.11 -16.96
CA ILE D 288 -25.38 -7.19 -18.02
C ILE D 288 -26.53 -7.28 -19.00
N TRP D 289 -27.13 -6.13 -19.31
CA TRP D 289 -28.16 -6.05 -20.34
C TRP D 289 -27.55 -5.44 -21.56
N VAL D 290 -28.02 -5.92 -22.71
CA VAL D 290 -27.55 -5.51 -23.99
C VAL D 290 -28.78 -4.93 -24.71
N MET D 291 -28.70 -3.64 -25.02
CA MET D 291 -29.79 -2.89 -25.59
C MET D 291 -29.50 -2.49 -27.02
N ASP D 292 -30.49 -2.66 -27.91
CA ASP D 292 -30.38 -2.08 -29.24
C ASP D 292 -30.82 -0.61 -29.19
N THR D 293 -29.91 0.32 -29.46
CA THR D 293 -30.24 1.74 -29.29
C THR D 293 -31.10 2.30 -30.41
N LYS D 294 -31.21 1.55 -31.52
CA LYS D 294 -32.13 1.96 -32.61
C LYS D 294 -33.56 1.53 -32.30
N THR D 295 -33.73 0.27 -31.91
CA THR D 295 -35.06 -0.28 -31.61
C THR D 295 -35.53 -0.02 -30.18
N LYS D 296 -34.59 0.37 -29.32
CA LYS D 296 -34.89 0.64 -27.91
C LYS D 296 -35.39 -0.58 -27.16
N GLN D 297 -34.88 -1.76 -27.55
CA GLN D 297 -35.29 -3.02 -26.95
C GLN D 297 -34.08 -3.75 -26.44
N ARG D 298 -34.26 -4.49 -25.36
CA ARG D 298 -33.22 -5.35 -24.86
C ARG D 298 -33.08 -6.55 -25.80
N VAL D 299 -31.85 -6.85 -26.21
CA VAL D 299 -31.60 -8.00 -27.08
C VAL D 299 -30.91 -9.17 -26.34
N ALA D 300 -30.33 -8.92 -25.17
CA ALA D 300 -29.72 -9.99 -24.40
C ALA D 300 -29.58 -9.56 -22.96
N ARG D 301 -29.51 -10.55 -22.09
CA ARG D 301 -29.24 -10.38 -20.68
C ARG D 301 -28.42 -11.59 -20.23
N ILE D 302 -27.34 -11.33 -19.50
CA ILE D 302 -26.43 -12.37 -19.02
C ILE D 302 -26.03 -12.10 -17.57
N PRO D 303 -25.50 -13.10 -16.88
CA PRO D 303 -25.02 -12.88 -15.50
C PRO D 303 -23.93 -11.80 -15.46
N GLY D 304 -23.97 -10.99 -14.41
CA GLY D 304 -23.10 -9.83 -14.29
C GLY D 304 -21.77 -10.11 -13.63
N ARG D 305 -21.65 -11.24 -12.93
CA ARG D 305 -20.42 -11.60 -12.18
C ARG D 305 -19.95 -10.47 -11.27
N ASP D 306 -20.93 -9.75 -10.72
CA ASP D 306 -20.64 -8.68 -9.77
C ASP D 306 -19.77 -7.57 -10.32
N ALA D 307 -19.81 -7.40 -11.63
CA ALA D 307 -19.03 -6.33 -12.26
C ALA D 307 -19.52 -4.92 -11.90
N LEU D 308 -18.56 -4.01 -11.93
CA LEU D 308 -18.81 -2.59 -11.64
C LEU D 308 -18.43 -1.62 -12.74
N SER D 309 -17.40 -1.98 -13.50
CA SER D 309 -16.94 -1.23 -14.60
C SER D 309 -16.65 -2.08 -15.81
N MET D 310 -16.70 -1.43 -16.96
CA MET D 310 -16.46 -2.10 -18.26
C MET D 310 -15.69 -1.19 -19.20
N THR D 311 -15.25 -1.77 -20.31
CA THR D 311 -14.77 -1.00 -21.45
C THR D 311 -14.95 -1.88 -22.70
N ILE D 312 -15.03 -1.24 -23.87
CA ILE D 312 -15.29 -1.95 -25.14
C ILE D 312 -14.16 -1.68 -26.10
N ASP D 313 -13.73 -2.74 -26.80
CA ASP D 313 -12.83 -2.58 -27.93
C ASP D 313 -13.69 -2.78 -29.19
N GLN D 314 -13.73 -1.75 -30.02
CA GLN D 314 -14.55 -1.78 -31.23
C GLN D 314 -13.97 -2.77 -32.23
N GLN D 315 -12.67 -2.65 -32.48
CA GLN D 315 -11.96 -3.39 -33.53
C GLN D 315 -12.06 -4.90 -33.38
N ARG D 316 -11.93 -5.38 -32.14
CA ARG D 316 -11.96 -6.83 -31.88
C ARG D 316 -13.27 -7.29 -31.31
N ASN D 317 -14.26 -6.41 -31.23
CA ASN D 317 -15.56 -6.76 -30.67
C ASN D 317 -15.45 -7.44 -29.30
N LEU D 318 -14.85 -6.71 -28.36
CA LEU D 318 -14.60 -7.26 -27.04
C LEU D 318 -15.16 -6.33 -25.98
N MET D 319 -15.59 -6.90 -24.88
CA MET D 319 -15.98 -6.11 -23.72
C MET D 319 -15.21 -6.68 -22.54
N LEU D 320 -14.55 -5.81 -21.77
CA LEU D 320 -13.96 -6.24 -20.50
C LEU D 320 -14.87 -5.78 -19.39
N THR D 321 -15.06 -6.62 -18.39
CA THR D 321 -15.73 -6.20 -17.17
C THR D 321 -14.83 -6.43 -15.97
N LEU D 322 -15.10 -5.67 -14.91
CA LEU D 322 -14.20 -5.59 -13.79
C LEU D 322 -15.02 -5.47 -12.51
N ASP D 323 -14.76 -6.34 -11.53
CA ASP D 323 -15.52 -6.38 -10.29
C ASP D 323 -14.77 -5.75 -9.10
N GLY D 324 -13.65 -5.10 -9.41
CA GLY D 324 -12.75 -4.53 -8.41
C GLY D 324 -11.42 -5.26 -8.35
N GLY D 325 -11.40 -6.56 -8.65
CA GLY D 325 -10.19 -7.33 -8.58
C GLY D 325 -9.92 -8.24 -9.78
N ASN D 326 -11.00 -8.71 -10.40
CA ASN D 326 -10.93 -9.64 -11.53
C ASN D 326 -11.48 -9.01 -12.82
N VAL D 327 -10.84 -9.35 -13.94
CA VAL D 327 -11.24 -8.85 -15.25
C VAL D 327 -11.80 -10.00 -16.05
N ASN D 328 -13.01 -9.82 -16.55
CA ASN D 328 -13.67 -10.77 -17.44
C ASN D 328 -13.57 -10.28 -18.88
N VAL D 329 -13.28 -11.21 -19.81
CA VAL D 329 -13.12 -10.88 -21.20
C VAL D 329 -14.29 -11.52 -21.94
N TYR D 330 -15.06 -10.70 -22.66
CA TYR D 330 -16.22 -11.16 -23.43
C TYR D 330 -16.06 -10.85 -24.91
N ASP D 331 -16.42 -11.82 -25.74
CA ASP D 331 -16.66 -11.62 -27.16
C ASP D 331 -18.08 -11.04 -27.31
N ILE D 332 -18.19 -9.85 -27.89
CA ILE D 332 -19.49 -9.19 -28.09
C ILE D 332 -19.79 -8.99 -29.58
N SER D 333 -19.20 -9.83 -30.43
CA SER D 333 -19.48 -9.78 -31.86
C SER D 333 -20.94 -10.17 -32.17
N GLN D 334 -21.54 -10.99 -31.30
CA GLN D 334 -22.95 -11.36 -31.40
C GLN D 334 -23.74 -10.70 -30.26
N PRO D 335 -25.04 -10.49 -30.45
CA PRO D 335 -25.89 -9.92 -29.40
C PRO D 335 -25.73 -10.53 -28.01
N GLU D 336 -25.59 -11.85 -27.91
CA GLU D 336 -25.29 -12.49 -26.63
C GLU D 336 -23.78 -12.48 -26.40
N PRO D 337 -23.29 -11.72 -25.41
CA PRO D 337 -21.86 -11.76 -25.12
C PRO D 337 -21.41 -13.17 -24.72
N LYS D 338 -20.21 -13.55 -25.12
CA LYS D 338 -19.66 -14.84 -24.71
C LYS D 338 -18.43 -14.62 -23.86
N LEU D 339 -18.42 -15.20 -22.67
CA LEU D 339 -17.30 -15.11 -21.75
C LEU D 339 -16.16 -15.98 -22.23
N LEU D 340 -15.01 -15.34 -22.48
CA LEU D 340 -13.81 -16.05 -22.94
C LEU D 340 -12.88 -16.48 -21.80
N ARG D 341 -12.71 -15.61 -20.80
CA ARG D 341 -11.83 -15.92 -19.69
C ARG D 341 -11.95 -14.88 -18.58
N THR D 342 -11.43 -15.24 -17.42
CA THR D 342 -11.40 -14.34 -16.29
C THR D 342 -9.96 -14.28 -15.83
N ILE D 343 -9.46 -13.06 -15.66
CA ILE D 343 -8.13 -12.82 -15.13
C ILE D 343 -8.32 -12.50 -13.65
N GLU D 344 -7.90 -13.43 -12.81
CA GLU D 344 -8.12 -13.29 -11.37
C GLU D 344 -6.98 -12.50 -10.76
N GLY D 345 -7.32 -11.63 -9.81
CA GLY D 345 -6.29 -10.92 -9.08
C GLY D 345 -5.52 -9.92 -9.90
N ALA D 346 -6.20 -9.31 -10.86
CA ALA D 346 -5.62 -8.28 -11.73
C ALA D 346 -5.37 -6.99 -10.97
N ALA D 347 -6.09 -6.83 -9.84
CA ALA D 347 -5.99 -5.63 -9.03
C ALA D 347 -6.52 -5.91 -7.67
N GLU D 348 -6.16 -5.05 -6.70
CA GLU D 348 -6.82 -5.10 -5.40
C GLU D 348 -8.05 -4.20 -5.30
N ALA D 349 -8.02 -3.05 -5.96
CA ALA D 349 -9.12 -2.13 -5.90
C ALA D 349 -9.15 -1.30 -7.17
N SER D 350 -9.64 -1.90 -8.26
CA SER D 350 -9.68 -1.19 -9.53
C SER D 350 -11.12 -0.99 -9.98
N LEU D 351 -11.42 0.21 -10.45
CA LEU D 351 -12.71 0.50 -11.05
C LEU D 351 -12.58 0.93 -12.50
N GLN D 352 -11.41 0.69 -13.09
CA GLN D 352 -11.17 1.08 -14.46
C GLN D 352 -10.21 0.19 -15.18
N VAL D 353 -10.64 -0.31 -16.34
CA VAL D 353 -9.76 -1.04 -17.24
C VAL D 353 -9.91 -0.45 -18.65
N GLN D 354 -8.82 -0.46 -19.41
CA GLN D 354 -8.79 0.10 -20.75
C GLN D 354 -7.93 -0.77 -21.67
N PHE D 355 -8.32 -0.82 -22.94
CA PHE D 355 -7.48 -1.48 -23.97
C PHE D 355 -6.41 -0.58 -24.49
N HIS D 356 -5.26 -1.16 -24.84
CA HIS D 356 -4.33 -0.49 -25.72
C HIS D 356 -4.99 -0.17 -27.07
N PRO D 357 -4.92 1.06 -27.53
CA PRO D 357 -5.46 1.42 -28.85
C PRO D 357 -4.83 0.62 -29.98
N VAL D 358 -5.61 0.17 -30.97
CA VAL D 358 -5.04 -0.47 -32.15
C VAL D 358 -5.41 0.31 -33.41
N GLY D 359 -4.46 0.43 -34.33
CA GLY D 359 -4.49 1.50 -35.33
C GLY D 359 -4.18 2.89 -34.73
N GLY D 360 -4.74 3.91 -35.36
CA GLY D 360 -4.67 5.29 -34.86
C GLY D 360 -6.00 6.04 -34.95
N THR D 361 -7.11 5.31 -35.04
CA THR D 361 -8.45 5.90 -35.14
C THR D 361 -9.53 4.87 -34.75
#